data_4OA4
#
_entry.id   4OA4
#
_cell.length_a   80.216
_cell.length_b   117.950
_cell.length_c   89.430
_cell.angle_alpha   90.000
_cell.angle_beta   93.000
_cell.angle_gamma   90.000
#
_symmetry.space_group_name_H-M   'P 1 21 1'
#
loop_
_entity.id
_entity.type
_entity.pdbx_description
1 polymer 'TRAP dicarboxylate transporter, DctP subunit'
2 non-polymer 'SUCCINIC ACID'
3 non-polymer 'CHLORIDE ION'
4 water water
#
_entity_poly.entity_id   1
_entity_poly.type   'polypeptide(L)'
_entity_poly.pdbx_seq_one_letter_code
;(MSE)HHHHHHSSGVDLGTENLYFQS(MSE)APTEIKFSHVVAENTPKGQ(MSE)ALKFKQLVEERLPGEYQVNVFPNSQ
LFGDNNELSALLLNDVQFVAPSLSKFERYTKKLQLFDLPFLFKD(MSE)DAVNRFQQSDAGQQLLNS(MSE)KRKGVVGL
GYLHNG(MSE)KQFSASSPLVLPEDAQGKKFRI(MSE)ASDVLAAQFQAVEAIPVKKPFSEVFTLLQTRAIDGQENTWSN
IYSKKFYEVQSNITESNHGVLDY(MSE)VVTSNTFWKSLPADKRKVIKASLDEAIAYGNEIAAAKVNKDKQAIIDSKRSE
VTYLTPEQRAAWVNA(MSE)KPVWAQFEDKIGKDLIDAAVASNE
;
_entity_poly.pdbx_strand_id   A,B,C,D
#
# COMPACT_ATOMS: atom_id res chain seq x y z
N PRO A 25 39.96 12.10 26.36
CA PRO A 25 39.05 12.03 25.21
C PRO A 25 38.36 13.35 24.93
N THR A 26 38.12 13.63 23.65
CA THR A 26 37.36 14.81 23.28
C THR A 26 35.90 14.58 23.63
N GLU A 27 35.36 15.47 24.42
CA GLU A 27 33.99 15.34 24.87
C GLU A 27 33.03 15.92 23.84
N ILE A 28 31.97 15.18 23.59
CA ILE A 28 30.90 15.61 22.72
C ILE A 28 29.67 15.63 23.61
N LYS A 29 28.91 16.72 23.58
CA LYS A 29 27.67 16.80 24.33
C LYS A 29 26.47 16.76 23.39
N PHE A 30 25.46 15.98 23.76
CA PHE A 30 24.18 15.85 23.05
C PHE A 30 23.11 16.20 24.06
N SER A 31 22.33 17.24 23.77
N SER A 31 22.34 17.24 23.75
CA SER A 31 21.32 17.70 24.69
CA SER A 31 21.31 17.75 24.63
C SER A 31 19.95 17.66 24.05
C SER A 31 19.96 17.53 23.99
N HIS A 32 18.95 17.22 24.80
CA HIS A 32 17.59 17.25 24.34
C HIS A 32 16.60 17.43 25.50
N VAL A 33 15.32 17.52 25.18
CA VAL A 33 14.32 17.93 26.15
C VAL A 33 13.38 16.82 26.54
N VAL A 34 13.54 15.63 25.95
CA VAL A 34 12.64 14.51 26.27
C VAL A 34 13.13 13.54 27.33
N ALA A 35 12.24 12.67 27.79
CA ALA A 35 12.58 11.63 28.74
C ALA A 35 13.45 10.59 28.06
N GLU A 36 14.12 9.74 28.83
CA GLU A 36 15.02 8.77 28.22
C GLU A 36 14.31 7.68 27.43
N ASN A 37 13.15 7.26 27.92
CA ASN A 37 12.42 6.09 27.35
C ASN A 37 11.50 6.56 26.24
N THR A 38 12.13 7.06 25.19
CA THR A 38 11.45 7.71 24.06
C THR A 38 12.31 7.48 22.85
N PRO A 39 11.79 7.75 21.66
CA PRO A 39 12.63 7.56 20.47
C PRO A 39 13.90 8.45 20.46
N LYS A 40 13.78 9.72 20.80
CA LYS A 40 14.96 10.60 20.79
C LYS A 40 15.90 10.24 21.94
N GLY A 41 15.34 9.96 23.09
CA GLY A 41 16.16 9.57 24.22
C GLY A 41 16.99 8.33 23.91
N GLN A 42 16.39 7.35 23.28
CA GLN A 42 17.08 6.12 22.94
C GLN A 42 18.06 6.31 21.78
N ALA A 44 19.85 9.01 21.25
CA ALA A 44 21.01 9.70 21.78
C ALA A 44 21.87 8.71 22.55
N LEU A 45 21.22 7.85 23.34
CA LEU A 45 21.97 6.85 24.10
C LEU A 45 22.65 5.83 23.19
N LYS A 46 22.00 5.46 22.09
CA LYS A 46 22.61 4.53 21.14
C LYS A 46 23.82 5.17 20.43
N PHE A 47 23.68 6.44 20.05
CA PHE A 47 24.76 7.22 19.46
C PHE A 47 25.96 7.21 20.41
N LYS A 48 25.73 7.49 21.69
CA LYS A 48 26.81 7.42 22.70
C LYS A 48 27.49 6.07 22.66
N GLN A 49 26.68 5.00 22.73
CA GLN A 49 27.19 3.62 22.77
C GLN A 49 28.08 3.32 21.56
N LEU A 50 27.59 3.67 20.37
CA LEU A 50 28.29 3.33 19.14
C LEU A 50 29.58 4.12 19.02
N VAL A 51 29.52 5.43 19.30
CA VAL A 51 30.72 6.25 19.19
C VAL A 51 31.81 5.76 20.13
N GLU A 52 31.43 5.45 21.36
CA GLU A 52 32.41 5.04 22.36
C GLU A 52 32.97 3.63 22.08
N GLU A 53 32.17 2.76 21.44
CA GLU A 53 32.65 1.44 21.05
C GLU A 53 33.68 1.54 19.94
N ARG A 54 33.47 2.47 19.02
CA ARG A 54 34.28 2.53 17.82
C ARG A 54 35.52 3.41 17.97
N LEU A 55 35.42 4.40 18.85
CA LEU A 55 36.49 5.35 19.02
C LEU A 55 36.86 5.44 20.51
N PRO A 56 37.11 4.28 21.14
CA PRO A 56 37.36 4.26 22.58
C PRO A 56 38.56 5.11 22.98
N GLY A 57 38.34 6.06 23.89
CA GLY A 57 39.40 6.92 24.38
C GLY A 57 39.69 8.11 23.50
N GLU A 58 39.05 8.18 22.34
CA GLU A 58 39.23 9.28 21.42
C GLU A 58 38.10 10.28 21.61
N TYR A 59 36.88 9.76 21.72
CA TYR A 59 35.69 10.59 21.87
C TYR A 59 34.79 9.99 22.91
N GLN A 60 34.26 10.83 23.79
CA GLN A 60 33.24 10.42 24.73
C GLN A 60 31.99 11.27 24.49
N VAL A 61 30.83 10.64 24.57
CA VAL A 61 29.56 11.36 24.35
C VAL A 61 28.78 11.41 25.65
N ASN A 62 28.53 12.63 26.12
CA ASN A 62 27.70 12.82 27.31
C ASN A 62 26.33 13.30 26.83
N VAL A 63 25.30 12.59 27.28
CA VAL A 63 23.93 12.83 26.88
C VAL A 63 23.18 13.51 28.03
N PHE A 64 22.43 14.55 27.71
CA PHE A 64 21.73 15.37 28.70
C PHE A 64 20.26 15.44 28.34
N PRO A 65 19.46 14.53 28.90
CA PRO A 65 18.03 14.52 28.56
C PRO A 65 17.24 15.51 29.41
N ASN A 66 15.93 15.62 29.14
CA ASN A 66 15.03 16.34 30.03
C ASN A 66 15.41 17.80 30.30
N SER A 67 16.00 18.46 29.31
CA SER A 67 16.42 19.87 29.40
C SER A 67 17.41 20.12 30.53
N GLN A 68 18.16 19.11 30.93
N GLN A 68 18.16 19.09 30.92
CA GLN A 68 19.09 19.28 32.04
CA GLN A 68 19.11 19.20 32.01
C GLN A 68 20.24 20.20 31.67
C GLN A 68 20.23 20.18 31.66
N LEU A 69 20.59 20.27 30.39
CA LEU A 69 21.67 21.15 29.98
C LEU A 69 21.13 22.38 29.26
N PHE A 70 20.42 22.17 28.16
CA PHE A 70 19.75 23.26 27.45
C PHE A 70 18.33 22.84 27.12
N GLY A 71 17.42 23.81 27.07
CA GLY A 71 16.03 23.53 26.77
C GLY A 71 15.62 24.07 25.42
N ASP A 72 14.31 24.11 25.18
CA ASP A 72 13.79 24.56 23.90
C ASP A 72 14.33 25.92 23.48
N ASN A 73 14.30 26.89 24.38
CA ASN A 73 14.52 28.25 23.93
C ASN A 73 15.97 28.60 23.65
N ASN A 74 16.90 27.90 24.29
CA ASN A 74 18.31 28.26 24.16
C ASN A 74 19.21 27.23 23.48
N GLU A 75 18.69 26.04 23.15
CA GLU A 75 19.54 24.98 22.59
C GLU A 75 20.22 25.32 21.26
N LEU A 76 19.54 26.01 20.33
CA LEU A 76 20.16 26.31 19.04
C LEU A 76 21.29 27.34 19.18
N SER A 77 21.07 28.32 20.03
CA SER A 77 22.09 29.29 20.36
C SER A 77 23.29 28.59 20.99
N ALA A 78 23.04 27.70 21.94
CA ALA A 78 24.11 26.93 22.57
C ALA A 78 24.89 26.12 21.53
N LEU A 79 24.19 25.55 20.57
CA LEU A 79 24.81 24.77 19.50
C LEU A 79 25.83 25.61 18.72
N LEU A 80 25.41 26.79 18.31
CA LEU A 80 26.24 27.64 17.47
C LEU A 80 27.37 28.25 18.27
N LEU A 81 27.16 28.40 19.57
CA LEU A 81 28.21 28.84 20.49
C LEU A 81 29.17 27.69 20.85
N ASN A 82 28.83 26.49 20.42
CA ASN A 82 29.61 25.25 20.66
C ASN A 82 29.68 24.90 22.13
N ASP A 83 28.64 25.28 22.88
CA ASP A 83 28.43 24.80 24.24
C ASP A 83 27.76 23.43 24.27
N VAL A 84 27.28 22.99 23.11
CA VAL A 84 26.73 21.64 22.90
C VAL A 84 27.03 21.31 21.43
N GLN A 85 27.18 20.02 21.10
CA GLN A 85 27.63 19.63 19.75
C GLN A 85 26.53 18.97 18.90
N PHE A 86 25.56 18.34 19.54
CA PHE A 86 24.39 17.81 18.84
C PHE A 86 23.12 18.16 19.60
N VAL A 87 22.10 18.62 18.86
CA VAL A 87 20.76 18.72 19.36
C VAL A 87 19.81 18.14 18.30
N ALA A 88 18.56 17.90 18.68
CA ALA A 88 17.60 17.37 17.71
C ALA A 88 16.20 17.94 17.96
N PRO A 89 16.03 19.24 17.66
CA PRO A 89 14.75 19.91 17.88
C PRO A 89 13.67 19.41 16.97
N SER A 90 12.43 19.50 17.42
CA SER A 90 11.29 19.44 16.53
C SER A 90 11.51 20.35 15.34
N LEU A 91 11.06 19.87 14.19
CA LEU A 91 11.10 20.65 12.97
C LEU A 91 10.33 21.96 13.09
N SER A 92 9.47 22.05 14.11
CA SER A 92 8.72 23.27 14.41
C SER A 92 9.56 24.42 14.93
N LYS A 93 10.78 24.13 15.41
CA LYS A 93 11.47 25.09 16.24
C LYS A 93 12.64 25.82 15.53
N PHE A 94 12.56 25.92 14.20
CA PHE A 94 13.66 26.41 13.41
C PHE A 94 13.42 27.77 12.71
N GLU A 95 12.34 28.48 13.07
CA GLU A 95 11.99 29.71 12.36
C GLU A 95 13.08 30.78 12.36
N ARG A 96 13.92 30.82 13.39
CA ARG A 96 14.99 31.81 13.43
C ARG A 96 16.07 31.60 12.35
N TYR A 97 16.09 30.39 11.76
CA TYR A 97 17.16 29.98 10.86
C TYR A 97 16.67 29.70 9.43
N THR A 98 15.42 29.29 9.28
CA THR A 98 14.81 29.13 7.96
C THR A 98 13.30 29.26 8.09
N LYS A 99 12.62 29.66 7.02
CA LYS A 99 11.18 29.66 7.02
C LYS A 99 10.62 28.39 6.40
N LYS A 100 11.49 27.55 5.82
CA LYS A 100 11.04 26.37 5.10
C LYS A 100 10.55 25.20 5.96
N LEU A 101 11.11 25.02 7.16
CA LEU A 101 10.78 23.84 7.94
C LEU A 101 9.40 23.97 8.61
N GLN A 102 8.84 25.17 8.57
CA GLN A 102 7.47 25.42 9.00
C GLN A 102 6.50 24.53 8.24
N LEU A 103 6.94 24.07 7.07
CA LEU A 103 6.19 23.10 6.28
C LEU A 103 5.66 21.98 7.19
N PHE A 104 6.52 21.44 8.04
CA PHE A 104 6.14 20.30 8.88
C PHE A 104 5.07 20.57 9.94
N ASP A 105 4.75 21.83 10.17
CA ASP A 105 3.70 22.20 11.08
C ASP A 105 2.33 22.33 10.42
N LEU A 106 2.27 22.35 9.08
CA LEU A 106 0.98 22.59 8.44
C LEU A 106 -0.03 21.51 8.80
N PRO A 107 -1.22 21.91 9.27
CA PRO A 107 -2.20 20.87 9.65
C PRO A 107 -2.70 20.01 8.47
N PHE A 108 -2.74 18.71 8.74
CA PHE A 108 -3.20 17.70 7.81
C PHE A 108 -2.45 17.68 6.50
N LEU A 109 -1.21 18.17 6.52
CA LEU A 109 -0.34 18.07 5.35
C LEU A 109 -0.01 16.62 4.95
N PHE A 110 0.45 15.83 5.92
CA PHE A 110 0.79 14.43 5.73
C PHE A 110 -0.29 13.51 6.32
N LYS A 111 -0.71 12.51 5.56
CA LYS A 111 -1.76 11.63 6.04
C LYS A 111 -1.22 10.78 7.15
N ASP A 112 0.02 10.33 7.01
CA ASP A 112 0.57 9.38 7.95
C ASP A 112 2.11 9.34 7.88
N ASP A 114 4.15 7.02 6.84
CA ASP A 114 4.67 6.59 5.55
C ASP A 114 4.86 7.80 4.62
N ALA A 115 3.89 8.72 4.57
CA ALA A 115 4.03 9.89 3.70
C ALA A 115 5.17 10.80 4.19
N VAL A 116 5.21 11.03 5.50
CA VAL A 116 6.29 11.82 6.10
C VAL A 116 7.66 11.30 5.67
N ASN A 117 7.85 9.99 5.78
CA ASN A 117 9.15 9.40 5.50
C ASN A 117 9.44 9.50 4.00
N ARG A 118 8.44 9.25 3.16
N ARG A 118 8.43 9.26 3.17
CA ARG A 118 8.63 9.40 1.71
CA ARG A 118 8.60 9.39 1.75
C ARG A 118 9.09 10.80 1.36
C ARG A 118 9.08 10.78 1.37
N PHE A 119 8.47 11.79 1.97
CA PHE A 119 8.85 13.17 1.75
C PHE A 119 10.29 13.40 2.23
N GLN A 120 10.57 12.98 3.45
CA GLN A 120 11.88 13.23 4.03
C GLN A 120 13.01 12.60 3.24
N GLN A 121 12.78 11.41 2.68
CA GLN A 121 13.82 10.71 1.94
C GLN A 121 13.93 11.08 0.46
N SER A 122 12.95 11.86 -0.04
CA SER A 122 12.99 12.34 -1.41
C SER A 122 14.01 13.44 -1.59
N ASP A 123 14.26 13.80 -2.83
CA ASP A 123 15.15 14.92 -3.11
C ASP A 123 14.69 16.18 -2.36
N ALA A 124 13.41 16.48 -2.46
CA ALA A 124 12.88 17.68 -1.85
C ALA A 124 13.13 17.71 -0.34
N GLY A 125 12.91 16.57 0.32
CA GLY A 125 13.13 16.42 1.75
C GLY A 125 14.58 16.50 2.17
N GLN A 126 15.42 15.78 1.45
CA GLN A 126 16.84 15.78 1.75
C GLN A 126 17.48 17.16 1.61
N GLN A 127 17.02 17.96 0.64
N GLN A 127 17.01 17.96 0.64
CA GLN A 127 17.60 19.28 0.45
CA GLN A 127 17.58 19.29 0.42
C GLN A 127 17.42 20.14 1.69
C GLN A 127 17.38 20.17 1.66
N LEU A 128 16.31 19.93 2.40
CA LEU A 128 16.01 20.72 3.59
C LEU A 128 17.05 20.52 4.71
N LEU A 129 17.82 19.44 4.66
CA LEU A 129 18.89 19.25 5.65
C LEU A 129 19.94 20.36 5.53
N ASN A 130 20.01 21.01 4.37
CA ASN A 130 21.00 22.05 4.11
C ASN A 130 20.43 23.45 4.21
N SER A 131 19.17 23.55 4.62
CA SER A 131 18.44 24.82 4.57
C SER A 131 18.94 25.93 5.50
N LYS A 133 22.52 25.89 6.55
CA LYS A 133 23.99 25.95 6.52
C LYS A 133 24.56 27.36 6.44
N ARG A 134 23.91 28.23 5.67
CA ARG A 134 24.42 29.59 5.49
C ARG A 134 24.36 30.39 6.81
N LYS A 135 23.66 29.84 7.80
CA LYS A 135 23.55 30.48 9.11
C LYS A 135 24.33 29.69 10.18
N GLY A 136 25.01 28.63 9.74
CA GLY A 136 25.90 27.90 10.63
C GLY A 136 25.40 26.56 11.10
N VAL A 137 24.17 26.18 10.74
CA VAL A 137 23.55 24.96 11.23
C VAL A 137 23.62 23.87 10.18
N VAL A 138 24.26 22.76 10.53
CA VAL A 138 24.36 21.59 9.67
C VAL A 138 23.30 20.54 9.99
N GLY A 139 22.51 20.20 8.97
CA GLY A 139 21.46 19.19 9.15
C GLY A 139 22.02 17.82 8.85
N LEU A 140 21.91 16.89 9.81
CA LEU A 140 22.53 15.56 9.70
C LEU A 140 21.53 14.45 9.36
N GLY A 141 20.29 14.62 9.78
CA GLY A 141 19.29 13.63 9.44
C GLY A 141 17.96 13.93 10.08
N TYR A 142 16.90 13.32 9.54
CA TYR A 142 15.63 13.36 10.20
C TYR A 142 15.51 12.19 11.17
N LEU A 143 14.80 12.44 12.26
CA LEU A 143 14.47 11.40 13.23
C LEU A 143 12.99 11.47 13.55
N HIS A 144 12.32 10.33 13.52
CA HIS A 144 10.89 10.31 13.78
C HIS A 144 10.49 10.35 15.23
N ASN A 145 9.33 10.95 15.49
CA ASN A 145 8.58 10.65 16.69
C ASN A 145 7.22 10.07 16.30
N GLY A 146 6.32 10.92 15.79
CA GLY A 146 5.04 10.38 15.39
C GLY A 146 4.01 11.42 15.03
N LYS A 148 0.81 13.82 15.77
CA LYS A 148 0.28 14.52 16.93
C LYS A 148 -1.22 14.24 17.12
N GLN A 149 -1.61 14.21 18.39
CA GLN A 149 -3.02 14.01 18.83
C GLN A 149 -3.38 15.17 19.75
N PHE A 150 -4.61 15.65 19.69
CA PHE A 150 -5.10 16.67 20.61
C PHE A 150 -5.44 16.04 21.96
N SER A 151 -5.23 16.79 23.04
CA SER A 151 -5.79 16.41 24.33
C SER A 151 -6.32 17.65 25.02
N ALA A 152 -7.28 17.42 25.89
CA ALA A 152 -7.83 18.49 26.73
C ALA A 152 -8.54 17.86 27.92
N SER A 153 -9.12 18.71 28.75
CA SER A 153 -9.92 18.27 29.88
C SER A 153 -11.40 18.15 29.51
N SER A 154 -11.70 18.20 28.21
CA SER A 154 -13.05 17.98 27.71
C SER A 154 -12.93 17.39 26.30
N PRO A 155 -13.99 16.74 25.81
CA PRO A 155 -13.95 16.05 24.51
C PRO A 155 -13.68 17.02 23.36
N LEU A 156 -12.85 16.60 22.41
CA LEU A 156 -12.56 17.37 21.20
C LEU A 156 -12.99 16.52 20.01
N VAL A 157 -14.24 16.66 19.64
CA VAL A 157 -14.84 15.86 18.56
C VAL A 157 -14.97 16.68 17.28
N LEU A 158 -15.51 17.88 17.41
CA LEU A 158 -15.61 18.82 16.27
C LEU A 158 -14.79 20.07 16.60
N PRO A 159 -14.40 20.83 15.58
CA PRO A 159 -13.53 21.97 15.86
C PRO A 159 -14.15 22.98 16.81
N GLU A 160 -15.48 23.04 16.83
CA GLU A 160 -16.17 23.97 17.70
C GLU A 160 -15.86 23.69 19.18
N ASP A 161 -15.49 22.45 19.48
CA ASP A 161 -15.21 22.07 20.86
C ASP A 161 -13.93 22.71 21.37
N ALA A 162 -13.10 23.22 20.47
CA ALA A 162 -11.85 23.85 20.88
C ALA A 162 -12.03 25.32 21.24
N GLN A 163 -13.19 25.91 20.89
CA GLN A 163 -13.40 27.35 21.09
C GLN A 163 -13.13 27.77 22.53
N GLY A 164 -12.26 28.76 22.70
CA GLY A 164 -12.01 29.34 24.00
C GLY A 164 -11.06 28.55 24.90
N LYS A 165 -10.59 27.41 24.44
CA LYS A 165 -9.62 26.63 25.21
C LYS A 165 -8.20 27.10 24.97
N LYS A 166 -7.39 27.06 26.04
CA LYS A 166 -5.99 27.45 25.97
C LYS A 166 -5.15 26.19 25.75
N PHE A 167 -4.37 26.21 24.66
CA PHE A 167 -3.49 25.11 24.31
C PHE A 167 -2.03 25.57 24.35
N ARG A 168 -1.18 24.86 25.08
CA ARG A 168 0.26 25.05 24.90
C ARG A 168 0.62 24.61 23.51
N ILE A 169 1.51 25.36 22.87
CA ILE A 169 2.13 24.96 21.64
C ILE A 169 3.63 25.10 21.74
N ALA A 171 7.00 26.55 20.07
CA ALA A 171 7.26 27.90 19.60
C ALA A 171 7.26 27.99 18.09
N SER A 172 6.05 28.08 17.55
CA SER A 172 5.79 28.06 16.11
C SER A 172 4.60 28.98 15.75
N ASP A 173 4.81 29.87 14.79
CA ASP A 173 3.75 30.74 14.31
C ASP A 173 2.67 29.93 13.59
N VAL A 174 3.07 28.90 12.84
CA VAL A 174 2.10 28.04 12.17
C VAL A 174 1.17 27.39 13.18
N LEU A 175 1.73 26.85 14.25
CA LEU A 175 0.90 26.20 15.25
C LEU A 175 -0.02 27.19 15.97
N ALA A 176 0.44 28.43 16.17
CA ALA A 176 -0.41 29.48 16.72
C ALA A 176 -1.61 29.70 15.78
N ALA A 177 -1.32 29.81 14.49
CA ALA A 177 -2.39 30.03 13.51
C ALA A 177 -3.38 28.87 13.52
N GLN A 178 -2.85 27.65 13.64
CA GLN A 178 -3.67 26.43 13.69
C GLN A 178 -4.76 26.49 14.76
N PHE A 179 -4.38 26.87 15.98
CA PHE A 179 -5.35 26.95 17.06
C PHE A 179 -6.20 28.23 16.99
N GLN A 180 -5.63 29.32 16.47
CA GLN A 180 -6.47 30.50 16.21
C GLN A 180 -7.59 30.24 15.20
N ALA A 181 -7.35 29.32 14.28
CA ALA A 181 -8.35 29.02 13.26
C ALA A 181 -9.60 28.39 13.83
N VAL A 182 -9.49 27.79 15.01
CA VAL A 182 -10.65 27.20 15.68
C VAL A 182 -11.01 27.96 16.96
N GLU A 183 -10.56 29.20 17.02
CA GLU A 183 -10.90 30.16 18.08
C GLU A 183 -10.41 29.69 19.45
N ALA A 184 -9.31 28.95 19.43
CA ALA A 184 -8.61 28.56 20.62
C ALA A 184 -7.48 29.55 20.85
N ILE A 185 -6.87 29.46 22.02
CA ILE A 185 -5.88 30.41 22.45
C ILE A 185 -4.57 29.68 22.62
N PRO A 186 -3.64 29.85 21.67
CA PRO A 186 -2.36 29.16 21.77
C PRO A 186 -1.35 29.92 22.60
N VAL A 187 -0.59 29.24 23.44
CA VAL A 187 0.47 29.89 24.21
C VAL A 187 1.74 29.10 24.02
N LYS A 188 2.77 29.78 23.55
CA LYS A 188 4.06 29.16 23.27
C LYS A 188 4.81 28.98 24.57
N LYS A 189 5.22 27.76 24.85
CA LYS A 189 5.93 27.44 26.07
C LYS A 189 6.90 26.32 25.78
N PRO A 190 8.05 26.30 26.48
CA PRO A 190 9.01 25.21 26.34
C PRO A 190 8.48 23.88 26.87
N PHE A 191 8.96 22.81 26.27
CA PHE A 191 8.44 21.48 26.54
C PHE A 191 8.54 21.14 28.03
N SER A 192 9.61 21.58 28.69
CA SER A 192 9.82 21.21 30.09
C SER A 192 8.71 21.73 31.01
N GLU A 193 7.94 22.71 30.55
CA GLU A 193 6.94 23.33 31.39
C GLU A 193 5.55 22.72 31.21
N VAL A 194 5.36 21.90 30.21
CA VAL A 194 4.00 21.48 29.83
C VAL A 194 3.28 20.68 30.93
N PHE A 195 3.94 19.69 31.51
CA PHE A 195 3.34 18.91 32.59
C PHE A 195 2.77 19.81 33.70
N THR A 196 3.58 20.76 34.11
CA THR A 196 3.21 21.64 35.22
C THR A 196 2.08 22.56 34.82
N LEU A 197 2.07 23.07 33.59
CA LEU A 197 0.99 23.92 33.10
C LEU A 197 -0.34 23.16 33.03
N LEU A 198 -0.28 21.92 32.59
CA LEU A 198 -1.45 21.03 32.64
C LEU A 198 -1.89 20.76 34.07
N GLN A 199 -0.94 20.46 34.96
CA GLN A 199 -1.27 20.16 36.34
C GLN A 199 -1.95 21.33 37.04
N THR A 200 -1.51 22.57 36.76
CA THR A 200 -2.07 23.74 37.44
C THR A 200 -3.27 24.32 36.70
N ARG A 201 -3.64 23.69 35.58
CA ARG A 201 -4.72 24.17 34.73
C ARG A 201 -4.50 25.58 34.20
N ALA A 202 -3.23 25.94 34.04
CA ALA A 202 -2.88 27.20 33.40
C ALA A 202 -3.16 27.12 31.89
N ILE A 203 -3.17 25.89 31.37
CA ILE A 203 -3.67 25.62 30.03
C ILE A 203 -4.72 24.53 30.16
N ASP A 204 -5.57 24.42 29.14
CA ASP A 204 -6.59 23.38 29.09
C ASP A 204 -6.19 22.12 28.29
N GLY A 205 -5.33 22.31 27.30
CA GLY A 205 -5.00 21.27 26.36
C GLY A 205 -3.63 21.42 25.74
N GLN A 206 -3.26 20.42 24.95
CA GLN A 206 -2.05 20.48 24.18
C GLN A 206 -2.17 19.53 22.97
N GLU A 207 -1.09 19.41 22.20
CA GLU A 207 -1.01 18.42 21.12
C GLU A 207 0.37 17.74 21.20
N ASN A 208 0.39 16.42 21.04
CA ASN A 208 1.64 15.71 21.04
C ASN A 208 1.48 14.29 20.63
N THR A 209 2.61 13.61 20.49
CA THR A 209 2.60 12.19 20.10
C THR A 209 2.27 11.33 21.34
N TRP A 210 1.82 10.11 21.10
CA TRP A 210 1.57 9.19 22.22
C TRP A 210 2.80 9.04 23.13
N SER A 211 3.99 9.00 22.53
CA SER A 211 5.19 8.81 23.31
C SER A 211 5.40 9.96 24.32
N ASN A 212 5.25 11.21 23.86
CA ASN A 212 5.36 12.34 24.81
C ASN A 212 4.18 12.40 25.78
N ILE A 213 2.96 12.18 25.31
CA ILE A 213 1.82 12.17 26.24
C ILE A 213 2.04 11.16 27.38
N TYR A 214 2.56 9.98 27.05
CA TYR A 214 2.81 8.94 28.04
C TYR A 214 4.07 9.20 28.87
N SER A 215 5.21 9.44 28.23
CA SER A 215 6.48 9.53 28.95
C SER A 215 6.52 10.74 29.89
N LYS A 216 5.77 11.80 29.59
CA LYS A 216 5.74 13.00 30.42
C LYS A 216 4.50 13.03 31.29
N LYS A 217 3.68 11.99 31.19
CA LYS A 217 2.51 11.82 32.05
C LYS A 217 1.47 12.92 31.89
N PHE A 218 1.41 13.49 30.68
CA PHE A 218 0.38 14.49 30.38
C PHE A 218 -1.01 13.85 30.55
N TYR A 219 -1.10 12.56 30.23
CA TYR A 219 -2.38 11.84 30.31
C TYR A 219 -3.01 11.84 31.70
N GLU A 220 -2.18 12.00 32.75
CA GLU A 220 -2.69 12.00 34.11
C GLU A 220 -3.58 13.19 34.41
N VAL A 221 -3.48 14.24 33.60
CA VAL A 221 -4.28 15.43 33.82
C VAL A 221 -4.93 15.91 32.51
N GLN A 222 -5.18 14.96 31.61
CA GLN A 222 -5.95 15.23 30.40
C GLN A 222 -6.97 14.10 30.24
N SER A 223 -8.21 14.37 30.60
CA SER A 223 -9.25 13.33 30.59
C SER A 223 -9.66 12.87 29.19
N ASN A 224 -9.32 13.65 28.16
CA ASN A 224 -9.72 13.34 26.80
C ASN A 224 -8.60 13.54 25.81
N ILE A 225 -8.43 12.55 24.97
CA ILE A 225 -7.50 12.60 23.85
C ILE A 225 -8.28 12.23 22.59
N THR A 226 -8.06 12.98 21.51
CA THR A 226 -8.60 12.61 20.21
C THR A 226 -7.47 12.11 19.32
N GLU A 227 -7.68 10.96 18.69
CA GLU A 227 -6.73 10.51 17.69
C GLU A 227 -6.98 11.25 16.40
N SER A 228 -6.45 12.47 16.38
CA SER A 228 -6.68 13.39 15.29
C SER A 228 -5.61 13.26 14.18
N ASN A 229 -4.43 12.76 14.53
CA ASN A 229 -3.33 12.66 13.56
C ASN A 229 -3.21 13.91 12.68
N HIS A 230 -3.32 15.07 13.31
CA HIS A 230 -3.54 16.32 12.57
C HIS A 230 -2.24 17.04 12.18
N GLY A 231 -1.10 16.51 12.60
CA GLY A 231 0.20 17.05 12.22
C GLY A 231 1.28 16.08 12.61
N VAL A 232 2.49 16.35 12.18
CA VAL A 232 3.61 15.46 12.51
C VAL A 232 4.58 16.12 13.48
N LEU A 233 5.07 15.33 14.43
CA LEU A 233 6.17 15.76 15.29
C LEU A 233 7.36 14.91 14.94
N ASP A 234 8.31 15.49 14.20
CA ASP A 234 9.55 14.79 13.84
C ASP A 234 10.69 15.78 14.12
N TYR A 235 11.92 15.31 14.06
CA TYR A 235 13.05 16.11 14.41
C TYR A 235 14.05 16.21 13.26
N VAL A 237 18.17 16.21 13.41
CA VAL A 237 19.41 16.17 14.16
C VAL A 237 20.37 17.12 13.49
N VAL A 238 20.93 18.03 14.26
CA VAL A 238 21.79 19.08 13.75
C VAL A 238 23.06 19.24 14.57
N THR A 239 24.07 19.84 13.94
CA THR A 239 25.30 20.25 14.64
C THR A 239 25.70 21.60 14.07
N SER A 240 26.78 22.19 14.57
CA SER A 240 27.27 23.46 14.01
C SER A 240 28.32 23.19 12.96
N ASN A 241 28.43 24.09 12.00
CA ASN A 241 29.62 24.07 11.12
C ASN A 241 30.91 24.02 11.93
N THR A 242 30.99 24.86 12.97
CA THR A 242 32.17 24.93 13.81
C THR A 242 32.61 23.54 14.26
N PHE A 243 31.71 22.80 14.90
CA PHE A 243 32.09 21.49 15.39
C PHE A 243 32.36 20.49 14.27
N TRP A 244 31.48 20.45 13.29
CA TRP A 244 31.60 19.43 12.24
C TRP A 244 32.90 19.61 11.47
N LYS A 245 33.24 20.85 11.16
CA LYS A 245 34.49 21.15 10.44
C LYS A 245 35.71 20.82 11.28
N SER A 246 35.55 20.86 12.60
CA SER A 246 36.70 20.68 13.49
C SER A 246 37.18 19.23 13.53
N LEU A 247 36.33 18.29 13.15
CA LEU A 247 36.69 16.87 13.19
C LEU A 247 37.59 16.50 12.03
N PRO A 248 38.58 15.65 12.29
CA PRO A 248 39.29 15.03 11.17
C PRO A 248 38.31 14.22 10.33
N ALA A 249 38.53 14.19 9.02
CA ALA A 249 37.54 13.56 8.12
C ALA A 249 37.27 12.10 8.51
N ASP A 250 38.30 11.34 8.84
CA ASP A 250 38.10 9.92 9.08
C ASP A 250 37.25 9.71 10.34
N LYS A 251 37.44 10.56 11.34
CA LYS A 251 36.65 10.46 12.57
C LYS A 251 35.19 10.92 12.35
N ARG A 252 35.02 11.99 11.58
CA ARG A 252 33.70 12.47 11.19
C ARG A 252 32.90 11.37 10.50
N LYS A 253 33.56 10.59 9.62
CA LYS A 253 32.86 9.51 8.93
C LYS A 253 32.32 8.50 9.93
N VAL A 254 33.14 8.12 10.92
CA VAL A 254 32.70 7.16 11.93
C VAL A 254 31.58 7.75 12.79
N ILE A 255 31.72 9.01 13.16
CA ILE A 255 30.71 9.67 13.98
C ILE A 255 29.40 9.79 13.21
N LYS A 256 29.47 10.14 11.93
CA LYS A 256 28.28 10.24 11.09
C LYS A 256 27.61 8.87 10.91
N ALA A 257 28.41 7.82 10.71
CA ALA A 257 27.86 6.47 10.53
C ALA A 257 27.18 6.05 11.80
N SER A 258 27.81 6.36 12.94
CA SER A 258 27.23 6.06 14.25
C SER A 258 25.91 6.80 14.46
N LEU A 259 25.88 8.07 14.08
CA LEU A 259 24.67 8.87 14.16
C LEU A 259 23.56 8.28 13.29
N ASP A 260 23.91 7.94 12.06
CA ASP A 260 22.90 7.39 11.14
C ASP A 260 22.31 6.09 11.69
N GLU A 261 23.16 5.23 12.25
CA GLU A 261 22.68 3.97 12.79
C GLU A 261 21.83 4.22 14.02
N ALA A 262 22.24 5.18 14.84
CA ALA A 262 21.43 5.57 15.99
C ALA A 262 20.06 6.10 15.58
N ILE A 263 20.01 6.85 14.50
CA ILE A 263 18.73 7.35 13.98
C ILE A 263 17.84 6.19 13.55
N ALA A 264 18.41 5.19 12.89
CA ALA A 264 17.59 4.09 12.44
C ALA A 264 17.03 3.39 13.66
N TYR A 265 17.86 3.26 14.70
CA TYR A 265 17.40 2.66 15.94
C TYR A 265 16.23 3.47 16.54
N GLY A 266 16.44 4.77 16.67
CA GLY A 266 15.46 5.69 17.18
C GLY A 266 14.15 5.58 16.41
N ASN A 267 14.23 5.53 15.08
CA ASN A 267 13.02 5.37 14.28
C ASN A 267 12.27 4.05 14.59
N GLU A 268 13.00 2.96 14.80
CA GLU A 268 12.34 1.68 15.17
C GLU A 268 11.64 1.85 16.51
N ILE A 269 12.28 2.52 17.45
CA ILE A 269 11.71 2.78 18.76
C ILE A 269 10.45 3.65 18.60
N ALA A 270 10.52 4.66 17.73
CA ALA A 270 9.41 5.58 17.53
C ALA A 270 8.19 4.83 17.06
N ALA A 271 8.38 3.94 16.10
CA ALA A 271 7.29 3.18 15.54
C ALA A 271 6.64 2.28 16.59
N ALA A 272 7.47 1.63 17.40
CA ALA A 272 6.99 0.75 18.47
C ALA A 272 6.22 1.50 19.57
N LYS A 273 6.67 2.71 19.88
CA LYS A 273 6.10 3.47 20.97
C LYS A 273 4.69 3.98 20.64
N VAL A 274 4.41 4.21 19.36
CA VAL A 274 3.09 4.63 18.97
C VAL A 274 2.03 3.71 19.56
N ASN A 275 2.15 2.42 19.28
CA ASN A 275 1.18 1.43 19.76
C ASN A 275 1.32 1.16 21.26
N LYS A 276 2.55 1.00 21.72
CA LYS A 276 2.79 0.63 23.11
C LYS A 276 2.26 1.71 24.08
N ASP A 277 2.55 2.96 23.77
CA ASP A 277 2.23 4.05 24.69
C ASP A 277 0.76 4.45 24.55
N LYS A 278 0.21 4.43 23.35
CA LYS A 278 -1.24 4.57 23.20
C LYS A 278 -1.93 3.54 24.08
N GLN A 279 -1.54 2.28 23.98
CA GLN A 279 -2.17 1.22 24.80
C GLN A 279 -2.02 1.49 26.28
N ALA A 280 -0.82 1.91 26.72
CA ALA A 280 -0.56 2.13 28.13
C ALA A 280 -1.47 3.24 28.63
N ILE A 281 -1.70 4.24 27.82
CA ILE A 281 -2.56 5.34 28.23
C ILE A 281 -4.01 4.85 28.42
N ILE A 282 -4.51 4.09 27.45
CA ILE A 282 -5.85 3.53 27.50
C ILE A 282 -5.98 2.60 28.72
N ASP A 283 -4.95 1.79 28.96
CA ASP A 283 -4.99 0.84 30.08
C ASP A 283 -5.11 1.57 31.44
N SER A 284 -4.53 2.78 31.52
CA SER A 284 -4.51 3.53 32.78
C SER A 284 -5.89 3.97 33.22
N LYS A 285 -6.79 4.04 32.23
CA LYS A 285 -8.15 4.54 32.41
C LYS A 285 -8.21 6.02 32.78
N ARG A 286 -7.08 6.71 32.80
CA ARG A 286 -7.08 8.14 33.12
C ARG A 286 -7.60 9.04 32.00
N SER A 287 -7.55 8.55 30.75
CA SER A 287 -7.93 9.32 29.56
C SER A 287 -8.77 8.46 28.62
N GLU A 288 -9.76 9.09 28.01
CA GLU A 288 -10.68 8.42 27.10
C GLU A 288 -10.29 8.89 25.70
N VAL A 289 -10.06 7.96 24.78
CA VAL A 289 -9.66 8.31 23.44
C VAL A 289 -10.88 8.37 22.53
N THR A 290 -10.97 9.46 21.78
CA THR A 290 -12.02 9.63 20.79
C THR A 290 -11.45 9.41 19.40
N TYR A 291 -12.13 8.62 18.59
CA TYR A 291 -11.75 8.45 17.19
C TYR A 291 -12.73 9.17 16.28
N LEU A 292 -12.20 9.84 15.26
CA LEU A 292 -13.02 10.69 14.40
C LEU A 292 -13.67 9.91 13.24
N THR A 293 -14.94 10.16 12.99
CA THR A 293 -15.57 9.73 11.75
C THR A 293 -14.98 10.52 10.58
N PRO A 294 -15.13 10.01 9.36
CA PRO A 294 -14.65 10.78 8.20
C PRO A 294 -15.21 12.21 8.14
N GLU A 295 -16.48 12.39 8.46
CA GLU A 295 -17.06 13.71 8.45
C GLU A 295 -16.52 14.61 9.57
N GLN A 296 -16.21 14.04 10.74
CA GLN A 296 -15.61 14.81 11.81
C GLN A 296 -14.21 15.27 11.41
N ARG A 297 -13.43 14.35 10.85
CA ARG A 297 -12.09 14.68 10.42
C ARG A 297 -12.18 15.79 9.37
N ALA A 298 -13.09 15.62 8.42
CA ALA A 298 -13.27 16.65 7.39
C ALA A 298 -13.57 18.04 7.96
N ALA A 299 -14.31 18.10 9.06
CA ALA A 299 -14.59 19.39 9.70
C ALA A 299 -13.31 20.05 10.24
N TRP A 300 -12.43 19.26 10.84
CA TRP A 300 -11.15 19.82 11.31
C TRP A 300 -10.27 20.28 10.17
N VAL A 301 -10.22 19.46 9.11
CA VAL A 301 -9.43 19.80 7.94
C VAL A 301 -9.90 21.11 7.32
N ASN A 302 -11.21 21.26 7.18
CA ASN A 302 -11.76 22.46 6.58
C ASN A 302 -11.51 23.70 7.44
N ALA A 303 -11.55 23.52 8.76
CA ALA A 303 -11.31 24.63 9.69
C ALA A 303 -9.86 25.07 9.69
N LYS A 305 -7.16 24.02 7.39
CA LYS A 305 -6.44 24.09 6.11
C LYS A 305 -6.14 25.51 5.63
N PRO A 306 -7.03 26.46 5.95
CA PRO A 306 -6.78 27.86 5.59
C PRO A 306 -5.48 28.47 6.12
N VAL A 307 -4.95 27.88 7.18
CA VAL A 307 -3.66 28.25 7.74
C VAL A 307 -2.57 28.18 6.68
N TRP A 308 -2.67 27.25 5.74
CA TRP A 308 -1.58 27.05 4.80
C TRP A 308 -1.37 28.31 3.95
N ALA A 309 -2.45 28.92 3.51
CA ALA A 309 -2.32 30.09 2.60
C ALA A 309 -1.60 31.23 3.31
N GLN A 310 -1.72 31.28 4.63
CA GLN A 310 -1.05 32.30 5.43
C GLN A 310 0.48 32.23 5.33
N PHE A 311 0.99 31.02 5.15
CA PHE A 311 2.42 30.77 5.26
C PHE A 311 3.02 30.33 3.95
N GLU A 312 2.21 30.18 2.91
CA GLU A 312 2.73 29.51 1.72
C GLU A 312 3.81 30.30 0.99
N ASP A 313 3.73 31.62 0.98
CA ASP A 313 4.74 32.41 0.27
C ASP A 313 6.12 32.25 0.94
N LYS A 314 6.15 32.17 2.27
CA LYS A 314 7.42 32.08 2.99
C LYS A 314 7.99 30.65 3.00
N ILE A 315 7.11 29.65 3.11
CA ILE A 315 7.51 28.25 3.01
C ILE A 315 7.92 27.90 1.62
N GLY A 316 7.12 28.35 0.64
CA GLY A 316 7.33 28.04 -0.75
C GLY A 316 6.24 27.14 -1.24
N LYS A 317 5.43 27.60 -2.18
CA LYS A 317 4.33 26.78 -2.68
C LYS A 317 4.83 25.49 -3.34
N ASP A 318 5.98 25.56 -4.00
CA ASP A 318 6.49 24.37 -4.70
C ASP A 318 6.89 23.31 -3.69
N LEU A 319 7.40 23.76 -2.56
CA LEU A 319 7.80 22.85 -1.46
C LEU A 319 6.58 22.20 -0.84
N ILE A 320 5.55 22.99 -0.62
CA ILE A 320 4.28 22.45 -0.19
C ILE A 320 3.75 21.41 -1.20
N ASP A 321 3.76 21.74 -2.49
CA ASP A 321 3.33 20.79 -3.53
C ASP A 321 4.10 19.46 -3.43
N ALA A 322 5.38 19.53 -3.11
CA ALA A 322 6.17 18.31 -2.96
C ALA A 322 5.66 17.49 -1.78
N ALA A 323 5.51 18.13 -0.62
CA ALA A 323 4.95 17.47 0.56
C ALA A 323 3.56 16.84 0.31
N VAL A 324 2.65 17.55 -0.36
CA VAL A 324 1.35 17.00 -0.66
C VAL A 324 1.52 15.74 -1.52
N ALA A 325 2.47 15.79 -2.44
CA ALA A 325 2.68 14.71 -3.41
C ALA A 325 3.16 13.43 -2.71
N SER A 326 3.77 13.58 -1.54
CA SER A 326 4.27 12.41 -0.82
C SER A 326 3.14 11.50 -0.33
N ASN A 327 1.90 11.99 -0.35
CA ASN A 327 0.76 11.22 0.13
C ASN A 327 0.30 10.15 -0.86
N GLU A 328 0.66 10.34 -2.11
CA GLU A 328 0.37 9.32 -3.13
C GLU A 328 1.16 8.03 -2.89
N ALA B 24 -13.82 -25.67 -20.72
CA ALA B 24 -13.25 -24.52 -20.01
C ALA B 24 -12.13 -24.98 -19.06
N PRO B 25 -10.87 -24.63 -19.37
CA PRO B 25 -9.81 -25.15 -18.50
C PRO B 25 -9.84 -24.54 -17.11
N THR B 26 -9.35 -25.28 -16.11
CA THR B 26 -9.19 -24.75 -14.77
C THR B 26 -7.95 -23.88 -14.76
N GLU B 27 -8.09 -22.66 -14.24
CA GLU B 27 -7.01 -21.68 -14.24
C GLU B 27 -6.10 -21.87 -13.02
N ILE B 28 -4.81 -21.93 -13.30
CA ILE B 28 -3.77 -22.00 -12.28
C ILE B 28 -2.94 -20.73 -12.44
N LYS B 29 -2.93 -19.88 -11.43
CA LYS B 29 -2.08 -18.67 -11.43
C LYS B 29 -0.77 -18.91 -10.71
N PHE B 30 0.31 -18.46 -11.33
CA PHE B 30 1.67 -18.52 -10.79
C PHE B 30 2.22 -17.10 -10.77
N SER B 31 2.54 -16.60 -9.59
N SER B 31 2.50 -16.55 -9.60
CA SER B 31 3.03 -15.24 -9.41
CA SER B 31 3.06 -15.21 -9.55
C SER B 31 4.49 -15.25 -8.95
C SER B 31 4.43 -15.17 -8.91
N HIS B 32 5.28 -14.30 -9.44
CA HIS B 32 6.62 -14.08 -8.90
C HIS B 32 7.10 -12.68 -9.18
N VAL B 33 8.23 -12.34 -8.59
CA VAL B 33 8.69 -10.97 -8.55
C VAL B 33 9.87 -10.69 -9.48
N VAL B 34 10.35 -11.72 -10.16
CA VAL B 34 11.55 -11.56 -11.02
C VAL B 34 11.25 -11.33 -12.50
N ALA B 35 12.31 -10.99 -13.25
CA ALA B 35 12.22 -10.81 -14.69
C ALA B 35 11.99 -12.18 -15.33
N GLU B 36 11.50 -12.18 -16.56
N GLU B 36 11.52 -12.18 -16.56
CA GLU B 36 11.26 -13.42 -17.28
CA GLU B 36 11.25 -13.44 -17.24
C GLU B 36 12.55 -14.18 -17.56
C GLU B 36 12.53 -14.19 -17.66
N ASN B 37 13.59 -13.47 -17.98
CA ASN B 37 14.83 -14.10 -18.39
C ASN B 37 15.76 -14.40 -17.20
N THR B 38 15.29 -15.31 -16.36
CA THR B 38 15.93 -15.68 -15.12
C THR B 38 15.61 -17.13 -14.80
N PRO B 39 16.29 -17.73 -13.82
CA PRO B 39 15.89 -19.12 -13.57
C PRO B 39 14.46 -19.33 -13.10
N LYS B 40 13.95 -18.51 -12.19
CA LYS B 40 12.56 -18.64 -11.77
C LYS B 40 11.59 -18.25 -12.90
N GLY B 41 11.90 -17.20 -13.65
CA GLY B 41 11.01 -16.82 -14.75
C GLY B 41 10.87 -17.93 -15.78
N GLN B 42 11.99 -18.57 -16.10
CA GLN B 42 11.96 -19.69 -17.03
C GLN B 42 11.33 -20.96 -16.45
N ALA B 44 8.88 -21.02 -14.31
CA ALA B 44 7.42 -20.86 -14.35
C ALA B 44 6.85 -21.07 -15.74
N LEU B 45 7.52 -20.53 -16.76
CA LEU B 45 7.07 -20.68 -18.14
C LEU B 45 7.19 -22.12 -18.63
N LYS B 46 8.22 -22.85 -18.18
CA LYS B 46 8.37 -24.25 -18.56
C LYS B 46 7.26 -25.08 -17.89
N PHE B 47 6.94 -24.75 -16.64
CA PHE B 47 5.85 -25.42 -15.91
C PHE B 47 4.53 -25.25 -16.70
N LYS B 48 4.25 -24.02 -17.11
CA LYS B 48 3.08 -23.77 -17.97
C LYS B 48 3.11 -24.63 -19.22
N GLN B 49 4.21 -24.59 -19.94
CA GLN B 49 4.34 -25.36 -21.17
C GLN B 49 4.01 -26.84 -20.97
N LEU B 50 4.63 -27.45 -19.96
CA LEU B 50 4.46 -28.88 -19.71
C LEU B 50 3.04 -29.23 -19.28
N VAL B 51 2.46 -28.46 -18.38
CA VAL B 51 1.10 -28.74 -17.92
C VAL B 51 0.13 -28.65 -19.08
N GLU B 52 0.26 -27.60 -19.87
CA GLU B 52 -0.67 -27.39 -20.94
C GLU B 52 -0.50 -28.41 -22.08
N GLU B 53 0.71 -28.97 -22.23
CA GLU B 53 0.95 -30.05 -23.20
C GLU B 53 0.37 -31.37 -22.73
N ARG B 54 0.43 -31.62 -21.43
CA ARG B 54 0.13 -32.92 -20.87
C ARG B 54 -1.32 -33.04 -20.48
N LEU B 55 -1.96 -31.90 -20.25
CA LEU B 55 -3.37 -31.88 -19.85
C LEU B 55 -4.11 -30.82 -20.67
N PRO B 56 -4.05 -30.95 -22.01
CA PRO B 56 -4.54 -29.89 -22.89
C PRO B 56 -6.05 -29.67 -22.72
N GLY B 57 -6.44 -28.42 -22.48
CA GLY B 57 -7.85 -28.09 -22.30
C GLY B 57 -8.37 -28.31 -20.90
N GLU B 58 -7.56 -28.93 -20.03
CA GLU B 58 -7.98 -29.23 -18.66
C GLU B 58 -7.49 -28.18 -17.70
N TYR B 59 -6.22 -27.79 -17.84
CA TYR B 59 -5.61 -26.79 -16.97
C TYR B 59 -4.85 -25.79 -17.83
N GLN B 60 -4.96 -24.52 -17.43
CA GLN B 60 -4.21 -23.44 -18.05
C GLN B 60 -3.43 -22.73 -16.95
N VAL B 61 -2.13 -22.57 -17.16
CA VAL B 61 -1.28 -21.88 -16.22
C VAL B 61 -0.96 -20.47 -16.69
N ASN B 62 -1.34 -19.47 -15.89
CA ASN B 62 -1.11 -18.08 -16.19
C ASN B 62 -0.04 -17.55 -15.27
N VAL B 63 1.06 -17.11 -15.88
CA VAL B 63 2.25 -16.66 -15.16
C VAL B 63 2.32 -15.14 -15.13
N PHE B 64 2.48 -14.61 -13.92
CA PHE B 64 2.60 -13.18 -13.69
C PHE B 64 3.97 -12.85 -13.10
N PRO B 65 4.88 -12.38 -13.95
CA PRO B 65 6.24 -12.05 -13.48
C PRO B 65 6.31 -10.62 -12.91
N ASN B 66 7.48 -10.23 -12.40
CA ASN B 66 7.75 -8.82 -12.07
C ASN B 66 6.76 -8.19 -11.07
N SER B 67 6.23 -9.00 -10.16
CA SER B 67 5.26 -8.55 -9.17
C SER B 67 4.01 -7.91 -9.77
N GLN B 68 3.67 -8.29 -11.00
CA GLN B 68 2.50 -7.73 -11.65
C GLN B 68 1.20 -8.17 -11.00
N LEU B 69 1.22 -9.33 -10.34
CA LEU B 69 0.03 -9.80 -9.66
C LEU B 69 0.18 -9.54 -8.16
N PHE B 70 1.20 -10.16 -7.57
CA PHE B 70 1.52 -10.00 -6.16
C PHE B 70 3.01 -9.83 -6.01
N GLY B 71 3.40 -9.10 -4.99
CA GLY B 71 4.79 -8.84 -4.69
C GLY B 71 5.22 -9.51 -3.41
N ASP B 72 6.44 -9.17 -3.00
CA ASP B 72 7.05 -9.80 -1.83
C ASP B 72 6.13 -9.80 -0.62
N ASN B 73 5.55 -8.65 -0.31
CA ASN B 73 4.92 -8.54 1.00
C ASN B 73 3.58 -9.26 1.13
N ASN B 74 2.91 -9.48 0.00
CA ASN B 74 1.54 -10.02 0.03
C ASN B 74 1.35 -11.38 -0.62
N GLU B 75 2.39 -11.97 -1.20
CA GLU B 75 2.16 -13.17 -2.00
C GLU B 75 1.78 -14.41 -1.18
N LEU B 76 2.32 -14.56 0.03
CA LEU B 76 1.95 -15.72 0.82
C LEU B 76 0.50 -15.68 1.31
N SER B 77 0.04 -14.53 1.81
N SER B 77 0.03 -14.51 1.76
CA SER B 77 -1.38 -14.36 2.13
CA SER B 77 -1.37 -14.35 2.16
C SER B 77 -2.24 -14.64 0.92
C SER B 77 -2.31 -14.50 0.95
N ALA B 78 -1.83 -14.10 -0.23
CA ALA B 78 -2.59 -14.28 -1.48
C ALA B 78 -2.69 -15.76 -1.81
N LEU B 79 -1.60 -16.50 -1.61
CA LEU B 79 -1.60 -17.93 -1.87
C LEU B 79 -2.63 -18.62 -0.98
N LEU B 80 -2.64 -18.30 0.30
CA LEU B 80 -3.53 -18.99 1.25
C LEU B 80 -5.01 -18.60 1.07
N LEU B 81 -5.24 -17.39 0.56
CA LEU B 81 -6.56 -16.90 0.21
C LEU B 81 -7.01 -17.38 -1.17
N ASN B 82 -6.15 -18.16 -1.84
CA ASN B 82 -6.39 -18.75 -3.15
C ASN B 82 -6.56 -17.69 -4.24
N ASP B 83 -5.94 -16.53 -4.05
CA ASP B 83 -5.81 -15.55 -5.11
C ASP B 83 -4.71 -15.92 -6.11
N VAL B 84 -3.85 -16.86 -5.74
CA VAL B 84 -2.84 -17.40 -6.66
C VAL B 84 -2.61 -18.82 -6.16
N GLN B 85 -2.17 -19.72 -7.04
CA GLN B 85 -2.04 -21.14 -6.73
C GLN B 85 -0.59 -21.63 -6.54
N PHE B 86 0.35 -20.91 -7.16
CA PHE B 86 1.79 -21.19 -6.97
C PHE B 86 2.56 -19.88 -6.81
N VAL B 87 3.44 -19.87 -5.82
CA VAL B 87 4.47 -18.83 -5.72
C VAL B 87 5.80 -19.56 -5.41
N ALA B 88 6.90 -18.83 -5.47
CA ALA B 88 8.21 -19.41 -5.21
C ALA B 88 9.13 -18.37 -4.58
N PRO B 89 8.81 -17.97 -3.34
CA PRO B 89 9.62 -16.99 -2.63
C PRO B 89 11.01 -17.49 -2.33
N SER B 90 11.93 -16.55 -2.21
CA SER B 90 13.22 -16.81 -1.60
C SER B 90 12.98 -17.50 -0.27
N LEU B 91 13.86 -18.45 0.08
CA LEU B 91 13.83 -19.11 1.37
C LEU B 91 13.93 -18.15 2.56
N SER B 92 14.39 -16.91 2.29
CA SER B 92 14.47 -15.84 3.28
C SER B 92 13.11 -15.33 3.76
N LYS B 93 12.05 -15.61 3.02
CA LYS B 93 10.81 -14.83 3.14
C LYS B 93 9.68 -15.62 3.85
N PHE B 94 10.05 -16.59 4.67
CA PHE B 94 9.08 -17.49 5.28
C PHE B 94 8.93 -17.39 6.82
N GLU B 95 9.52 -16.38 7.43
CA GLU B 95 9.51 -16.25 8.89
C GLU B 95 8.13 -16.31 9.56
N ARG B 96 7.11 -15.86 8.85
CA ARG B 96 5.76 -15.86 9.42
C ARG B 96 5.17 -17.26 9.55
N TYR B 97 5.76 -18.23 8.87
CA TYR B 97 5.23 -19.60 8.79
C TYR B 97 6.16 -20.64 9.44
N THR B 98 7.46 -20.38 9.43
CA THR B 98 8.41 -21.28 10.11
C THR B 98 9.66 -20.48 10.42
N LYS B 99 10.42 -20.91 11.42
CA LYS B 99 11.71 -20.32 11.71
C LYS B 99 12.85 -21.15 11.14
N LYS B 100 12.53 -22.29 10.55
CA LYS B 100 13.57 -23.23 10.13
C LYS B 100 14.30 -22.77 8.86
N LEU B 101 13.58 -22.13 7.95
CA LEU B 101 14.14 -21.81 6.64
C LEU B 101 15.10 -20.62 6.68
N GLN B 102 15.10 -19.88 7.80
CA GLN B 102 16.12 -18.89 8.10
C GLN B 102 17.54 -19.45 7.96
N LEU B 103 17.70 -20.75 8.12
CA LEU B 103 18.99 -21.40 7.92
C LEU B 103 19.67 -20.93 6.64
N PHE B 104 18.86 -20.76 5.59
CA PHE B 104 19.41 -20.47 4.26
C PHE B 104 19.97 -19.06 4.15
N ASP B 105 19.63 -18.20 5.11
CA ASP B 105 20.17 -16.85 5.18
C ASP B 105 21.48 -16.71 5.93
N LEU B 106 21.91 -17.72 6.70
CA LEU B 106 23.13 -17.59 7.51
C LEU B 106 24.33 -17.32 6.62
N PRO B 107 25.07 -16.25 6.91
CA PRO B 107 26.18 -15.88 6.03
C PRO B 107 27.32 -16.90 6.09
N PHE B 108 27.85 -17.22 4.91
CA PHE B 108 28.96 -18.15 4.77
C PHE B 108 28.65 -19.57 5.27
N LEU B 109 27.37 -19.93 5.33
CA LEU B 109 26.99 -21.30 5.71
C LEU B 109 27.42 -22.33 4.68
N PHE B 110 27.15 -22.03 3.41
CA PHE B 110 27.44 -22.94 2.30
C PHE B 110 28.61 -22.40 1.50
N LYS B 111 29.55 -23.28 1.15
CA LYS B 111 30.71 -22.84 0.40
C LYS B 111 30.34 -22.59 -1.07
N ASP B 112 29.39 -23.35 -1.61
CA ASP B 112 29.01 -23.24 -3.02
C ASP B 112 27.68 -23.92 -3.25
N ASP B 114 26.90 -26.61 -4.86
CA ASP B 114 26.92 -28.07 -4.70
C ASP B 114 26.58 -28.45 -3.25
N ALA B 115 27.13 -27.70 -2.31
CA ALA B 115 26.81 -27.89 -0.89
C ALA B 115 25.33 -27.59 -0.63
N VAL B 116 24.85 -26.50 -1.19
CA VAL B 116 23.45 -26.12 -1.01
C VAL B 116 22.55 -27.27 -1.45
N ASN B 117 22.82 -27.82 -2.63
CA ASN B 117 21.99 -28.87 -3.18
C ASN B 117 22.05 -30.14 -2.33
N ARG B 118 23.26 -30.48 -1.88
CA ARG B 118 23.46 -31.66 -1.03
C ARG B 118 22.59 -31.55 0.23
N PHE B 119 22.57 -30.38 0.84
CA PHE B 119 21.73 -30.17 2.00
C PHE B 119 20.25 -30.26 1.64
N GLN B 120 19.86 -29.54 0.60
CA GLN B 120 18.46 -29.56 0.19
C GLN B 120 17.98 -30.97 -0.07
N GLN B 121 18.84 -31.83 -0.64
CA GLN B 121 18.40 -33.16 -1.06
C GLN B 121 18.57 -34.24 0.03
N SER B 122 19.16 -33.87 1.16
CA SER B 122 19.26 -34.77 2.33
C SER B 122 17.87 -34.98 2.92
N ASP B 123 17.75 -35.97 3.81
CA ASP B 123 16.46 -36.26 4.40
C ASP B 123 15.98 -35.05 5.20
N ALA B 124 16.89 -34.43 5.95
CA ALA B 124 16.54 -33.26 6.76
C ALA B 124 16.09 -32.09 5.87
N GLY B 125 16.82 -31.89 4.77
CA GLY B 125 16.49 -30.84 3.82
C GLY B 125 15.14 -31.04 3.16
N GLN B 126 14.83 -32.28 2.80
CA GLN B 126 13.57 -32.59 2.13
C GLN B 126 12.40 -32.45 3.10
N GLN B 127 12.65 -32.72 4.37
CA GLN B 127 11.58 -32.62 5.37
C GLN B 127 11.12 -31.16 5.54
N LEU B 128 12.00 -30.21 5.29
CA LEU B 128 11.65 -28.79 5.41
C LEU B 128 10.56 -28.36 4.41
N LEU B 129 10.42 -29.12 3.33
CA LEU B 129 9.32 -28.90 2.39
C LEU B 129 7.96 -29.02 3.07
N ASN B 130 7.90 -29.73 4.19
CA ASN B 130 6.67 -29.92 4.94
C ASN B 130 6.55 -29.00 6.15
N SER B 131 7.50 -28.09 6.33
CA SER B 131 7.64 -27.36 7.58
C SER B 131 6.47 -26.40 7.86
N LYS B 133 3.13 -26.92 6.53
CA LYS B 133 1.86 -27.54 6.17
C LYS B 133 0.75 -27.25 7.17
N ARG B 134 1.10 -27.16 8.44
CA ARG B 134 0.10 -26.92 9.49
C ARG B 134 -0.63 -25.59 9.33
N LYS B 135 0.01 -24.65 8.66
CA LYS B 135 -0.56 -23.33 8.43
C LYS B 135 -1.10 -23.15 7.02
N GLY B 136 -1.01 -24.19 6.21
CA GLY B 136 -1.65 -24.16 4.90
C GLY B 136 -0.71 -24.23 3.73
N VAL B 137 0.60 -24.10 3.98
CA VAL B 137 1.55 -23.97 2.89
C VAL B 137 2.23 -25.31 2.60
N VAL B 138 2.06 -25.75 1.36
CA VAL B 138 2.59 -27.03 0.89
C VAL B 138 3.88 -26.78 0.07
N GLY B 139 5.00 -27.31 0.55
CA GLY B 139 6.26 -27.16 -0.17
C GLY B 139 6.45 -28.25 -1.19
N LEU B 140 6.73 -27.85 -2.43
CA LEU B 140 6.79 -28.82 -3.52
C LEU B 140 8.19 -29.08 -4.07
N GLY B 141 9.10 -28.12 -3.90
CA GLY B 141 10.48 -28.34 -4.28
C GLY B 141 11.35 -27.11 -4.09
N TYR B 142 12.65 -27.32 -3.99
CA TYR B 142 13.62 -26.24 -3.99
C TYR B 142 14.01 -25.90 -5.42
N LEU B 143 14.21 -24.63 -5.68
CA LEU B 143 14.69 -24.16 -6.98
C LEU B 143 15.89 -23.23 -6.73
N HIS B 144 16.98 -23.46 -7.46
CA HIS B 144 18.19 -22.66 -7.31
C HIS B 144 18.10 -21.29 -7.98
N ASN B 145 18.79 -20.31 -7.39
CA ASN B 145 19.20 -19.14 -8.15
C ASN B 145 20.71 -19.10 -8.16
N GLY B 146 21.33 -18.79 -7.02
CA GLY B 146 22.78 -18.80 -6.95
C GLY B 146 23.33 -18.15 -5.70
N LYS B 148 24.95 -15.08 -3.51
CA LYS B 148 24.82 -13.61 -3.44
C LYS B 148 26.16 -12.88 -3.45
N GLN B 149 26.16 -11.72 -4.10
CA GLN B 149 27.28 -10.78 -4.17
C GLN B 149 26.87 -9.43 -3.56
N PHE B 150 27.80 -8.72 -2.90
CA PHE B 150 27.51 -7.39 -2.38
C PHE B 150 27.63 -6.38 -3.52
N SER B 151 26.86 -5.29 -3.43
CA SER B 151 27.12 -4.12 -4.25
C SER B 151 26.85 -2.87 -3.44
N ALA B 152 27.48 -1.76 -3.84
CA ALA B 152 27.13 -0.44 -3.31
C ALA B 152 27.58 0.63 -4.30
N SER B 153 27.37 1.89 -3.90
CA SER B 153 27.80 3.06 -4.68
C SER B 153 29.21 3.50 -4.31
N SER B 154 29.91 2.62 -3.60
CA SER B 154 31.31 2.83 -3.23
C SER B 154 31.89 1.43 -3.00
N PRO B 155 33.23 1.31 -3.02
CA PRO B 155 33.88 -0.01 -2.99
C PRO B 155 33.70 -0.74 -1.67
N LEU B 156 33.54 -2.05 -1.75
CA LEU B 156 33.38 -2.90 -0.58
C LEU B 156 34.49 -3.95 -0.60
N VAL B 157 35.63 -3.62 0.00
CA VAL B 157 36.75 -4.55 0.04
C VAL B 157 36.86 -5.20 1.41
N LEU B 158 36.85 -4.39 2.45
CA LEU B 158 36.85 -4.89 3.83
C LEU B 158 35.56 -4.46 4.50
N PRO B 159 35.16 -5.16 5.57
CA PRO B 159 33.91 -4.87 6.28
C PRO B 159 33.79 -3.41 6.72
N GLU B 160 34.91 -2.76 7.01
CA GLU B 160 34.90 -1.36 7.43
C GLU B 160 34.28 -0.49 6.35
N ASP B 161 34.37 -0.94 5.10
CA ASP B 161 33.87 -0.19 3.97
C ASP B 161 32.34 -0.11 3.95
N ALA B 162 31.69 -1.00 4.71
CA ALA B 162 30.23 -1.02 4.80
C ALA B 162 29.68 -0.12 5.93
N GLN B 163 30.56 0.39 6.80
CA GLN B 163 30.13 1.15 7.97
C GLN B 163 29.27 2.36 7.59
N GLY B 164 28.11 2.45 8.22
CA GLY B 164 27.19 3.57 7.98
C GLY B 164 26.36 3.53 6.71
N LYS B 165 26.58 2.53 5.86
CA LYS B 165 25.87 2.48 4.58
C LYS B 165 24.54 1.74 4.74
N LYS B 166 23.50 2.24 4.07
CA LYS B 166 22.21 1.55 4.05
C LYS B 166 22.20 0.49 2.95
N PHE B 167 21.80 -0.73 3.34
CA PHE B 167 21.69 -1.84 2.38
C PHE B 167 20.24 -2.31 2.40
N ARG B 168 19.62 -2.37 1.23
CA ARG B 168 18.34 -3.06 1.12
C ARG B 168 18.56 -4.53 1.38
N ILE B 169 17.61 -5.13 2.08
CA ILE B 169 17.59 -6.59 2.24
C ILE B 169 16.19 -7.10 1.99
N ALA B 171 13.10 -9.39 3.34
CA ALA B 171 12.47 -9.25 4.63
C ALA B 171 12.86 -10.43 5.53
N SER B 172 14.03 -10.30 6.14
CA SER B 172 14.67 -11.36 6.94
C SER B 172 15.43 -10.78 8.15
N ASP B 173 15.15 -11.30 9.32
CA ASP B 173 15.85 -10.88 10.54
C ASP B 173 17.32 -11.32 10.55
N VAL B 174 17.60 -12.47 9.94
CA VAL B 174 18.96 -12.94 9.78
C VAL B 174 19.76 -11.99 8.89
N LEU B 175 19.19 -11.54 7.78
CA LEU B 175 19.91 -10.65 6.89
C LEU B 175 20.12 -9.28 7.53
N ALA B 176 19.19 -8.84 8.36
CA ALA B 176 19.38 -7.61 9.08
C ALA B 176 20.56 -7.75 10.04
N ALA B 177 20.63 -8.86 10.76
CA ALA B 177 21.76 -9.11 11.66
C ALA B 177 23.08 -9.17 10.93
N GLN B 178 23.10 -9.83 9.78
CA GLN B 178 24.27 -9.93 8.94
C GLN B 178 24.87 -8.55 8.68
N PHE B 179 24.03 -7.60 8.28
CA PHE B 179 24.53 -6.27 7.95
C PHE B 179 24.83 -5.42 9.18
N GLN B 180 24.08 -5.63 10.25
CA GLN B 180 24.38 -4.99 11.51
C GLN B 180 25.80 -5.37 11.99
N ALA B 181 26.20 -6.60 11.71
CA ALA B 181 27.51 -7.11 12.15
C ALA B 181 28.69 -6.37 11.52
N VAL B 182 28.46 -5.72 10.38
CA VAL B 182 29.51 -4.93 9.74
C VAL B 182 29.20 -3.42 9.81
N GLU B 183 28.38 -3.07 10.79
CA GLU B 183 28.05 -1.68 11.11
C GLU B 183 27.34 -0.96 9.98
N ALA B 184 26.66 -1.75 9.15
CA ALA B 184 25.77 -1.20 8.14
C ALA B 184 24.32 -1.16 8.65
N ILE B 185 23.46 -0.52 7.87
CA ILE B 185 22.10 -0.26 8.27
C ILE B 185 21.18 -0.95 7.29
N PRO B 186 20.61 -2.09 7.71
CA PRO B 186 19.76 -2.86 6.78
C PRO B 186 18.36 -2.28 6.71
N VAL B 187 17.81 -2.29 5.50
CA VAL B 187 16.47 -1.77 5.23
C VAL B 187 15.67 -2.82 4.46
N LYS B 188 14.63 -3.37 5.09
CA LYS B 188 13.77 -4.36 4.45
C LYS B 188 12.82 -3.67 3.44
N LYS B 189 12.93 -4.07 2.18
CA LYS B 189 12.10 -3.51 1.11
C LYS B 189 11.78 -4.62 0.10
N PRO B 190 10.60 -4.53 -0.50
CA PRO B 190 10.25 -5.50 -1.55
C PRO B 190 11.14 -5.36 -2.78
N PHE B 191 11.32 -6.49 -3.46
CA PHE B 191 12.25 -6.56 -4.59
C PHE B 191 11.92 -5.49 -5.63
N SER B 192 10.64 -5.27 -5.87
CA SER B 192 10.25 -4.35 -6.94
C SER B 192 10.75 -2.91 -6.72
N GLU B 193 11.06 -2.56 -5.48
CA GLU B 193 11.43 -1.20 -5.14
C GLU B 193 12.93 -0.94 -5.21
N VAL B 194 13.71 -1.99 -5.42
CA VAL B 194 15.15 -1.89 -5.22
C VAL B 194 15.84 -0.98 -6.23
N PHE B 195 15.55 -1.17 -7.53
CA PHE B 195 16.25 -0.36 -8.54
C PHE B 195 16.17 1.13 -8.22
N THR B 196 14.97 1.62 -7.96
CA THR B 196 14.77 3.04 -7.79
C THR B 196 15.31 3.57 -6.48
N LEU B 197 15.25 2.77 -5.42
CA LEU B 197 15.87 3.16 -4.15
C LEU B 197 17.39 3.33 -4.34
N LEU B 198 18.00 2.49 -5.17
CA LEU B 198 19.44 2.61 -5.43
C LEU B 198 19.72 3.80 -6.33
N GLN B 199 18.93 3.94 -7.39
CA GLN B 199 19.18 5.02 -8.35
C GLN B 199 19.14 6.39 -7.67
N THR B 200 18.15 6.58 -6.82
CA THR B 200 17.95 7.86 -6.14
C THR B 200 18.88 8.07 -4.96
N ARG B 201 19.67 7.04 -4.67
CA ARG B 201 20.61 7.04 -3.55
C ARG B 201 19.90 7.14 -2.19
N ALA B 202 18.62 6.79 -2.13
CA ALA B 202 17.97 6.62 -0.83
C ALA B 202 18.62 5.46 -0.07
N ILE B 203 19.10 4.47 -0.82
CA ILE B 203 19.81 3.30 -0.28
C ILE B 203 21.15 3.19 -0.98
N ASP B 204 22.20 2.80 -0.26
CA ASP B 204 23.55 2.74 -0.81
C ASP B 204 23.91 1.44 -1.52
N GLY B 205 23.44 0.32 -0.98
CA GLY B 205 23.81 -0.98 -1.50
C GLY B 205 22.78 -2.09 -1.31
N GLN B 206 23.16 -3.28 -1.74
CA GLN B 206 22.27 -4.45 -1.70
C GLN B 206 23.11 -5.71 -1.87
N GLU B 207 22.46 -6.88 -1.86
CA GLU B 207 23.13 -8.15 -2.10
C GLU B 207 22.21 -8.97 -2.99
N ASN B 208 22.78 -9.60 -4.01
CA ASN B 208 21.98 -10.46 -4.85
C ASN B 208 22.81 -11.33 -5.77
N THR B 209 22.16 -12.22 -6.49
CA THR B 209 22.84 -13.09 -7.43
C THR B 209 23.19 -12.31 -8.69
N TRP B 210 24.11 -12.83 -9.49
CA TRP B 210 24.41 -12.20 -10.76
C TRP B 210 23.16 -12.09 -11.62
N SER B 211 22.33 -13.12 -11.60
CA SER B 211 21.12 -13.15 -12.43
C SER B 211 20.22 -11.96 -12.10
N ASN B 212 20.03 -11.69 -10.81
CA ASN B 212 19.17 -10.56 -10.46
C ASN B 212 19.87 -9.24 -10.69
N ILE B 213 21.14 -9.17 -10.33
CA ILE B 213 21.89 -7.93 -10.55
C ILE B 213 21.87 -7.52 -12.02
N TYR B 214 22.03 -8.50 -12.92
CA TYR B 214 21.96 -8.21 -14.34
C TYR B 214 20.55 -7.95 -14.83
N SER B 215 19.64 -8.87 -14.56
CA SER B 215 18.31 -8.75 -15.16
C SER B 215 17.55 -7.52 -14.67
N LYS B 216 17.86 -7.05 -13.46
CA LYS B 216 17.24 -5.84 -12.89
C LYS B 216 18.10 -4.60 -13.07
N LYS B 217 19.25 -4.76 -13.70
CA LYS B 217 20.13 -3.64 -14.00
C LYS B 217 20.59 -2.92 -12.74
N PHE B 218 20.77 -3.67 -11.64
CA PHE B 218 21.30 -3.05 -10.43
C PHE B 218 22.71 -2.54 -10.73
N TYR B 219 23.39 -3.19 -11.69
CA TYR B 219 24.75 -2.77 -12.05
C TYR B 219 24.78 -1.38 -12.72
N GLU B 220 23.64 -0.88 -13.19
CA GLU B 220 23.61 0.46 -13.80
C GLU B 220 23.43 1.54 -12.72
N VAL B 221 23.12 1.12 -11.50
CA VAL B 221 22.90 2.07 -10.40
C VAL B 221 23.75 1.71 -9.16
N GLN B 222 24.76 0.87 -9.39
CA GLN B 222 25.74 0.50 -8.36
C GLN B 222 27.13 0.49 -8.98
N SER B 223 27.97 1.43 -8.55
CA SER B 223 29.27 1.60 -9.17
C SER B 223 30.24 0.46 -8.84
N ASN B 224 29.91 -0.29 -7.79
CA ASN B 224 30.82 -1.31 -7.26
C ASN B 224 30.08 -2.60 -6.87
N ILE B 225 30.65 -3.73 -7.29
CA ILE B 225 30.12 -5.05 -6.96
C ILE B 225 31.30 -5.82 -6.43
N THR B 226 31.10 -6.58 -5.37
CA THR B 226 32.15 -7.44 -4.84
C THR B 226 31.75 -8.92 -4.96
N GLU B 227 32.62 -9.71 -5.58
CA GLU B 227 32.35 -11.14 -5.68
C GLU B 227 32.64 -11.80 -4.33
N SER B 228 31.62 -11.78 -3.48
CA SER B 228 31.75 -12.24 -2.11
C SER B 228 31.20 -13.65 -1.87
N ASN B 229 30.26 -14.11 -2.69
CA ASN B 229 29.61 -15.40 -2.51
C ASN B 229 29.26 -15.67 -1.03
N HIS B 230 28.61 -14.70 -0.39
CA HIS B 230 28.53 -14.73 1.07
C HIS B 230 27.24 -15.34 1.63
N GLY B 231 26.34 -15.73 0.74
CA GLY B 231 25.12 -16.41 1.14
C GLY B 231 24.48 -16.98 -0.09
N VAL B 232 23.43 -17.77 0.10
CA VAL B 232 22.70 -18.34 -1.04
C VAL B 232 21.32 -17.68 -1.16
N LEU B 233 20.91 -17.47 -2.41
CA LEU B 233 19.53 -17.06 -2.73
C LEU B 233 18.94 -18.22 -3.52
N ASP B 234 18.10 -19.01 -2.84
CA ASP B 234 17.36 -20.10 -3.47
C ASP B 234 15.89 -19.93 -3.09
N TYR B 235 15.03 -20.73 -3.72
CA TYR B 235 13.60 -20.63 -3.53
C TYR B 235 12.96 -21.92 -3.06
N VAL B 237 9.34 -23.62 -4.09
CA VAL B 237 8.09 -23.55 -4.80
C VAL B 237 7.01 -24.10 -3.87
N VAL B 238 5.95 -23.31 -3.67
CA VAL B 238 4.89 -23.68 -2.75
C VAL B 238 3.51 -23.50 -3.35
N THR B 239 2.58 -24.29 -2.86
CA THR B 239 1.16 -24.11 -3.14
C THR B 239 0.38 -24.11 -1.82
N SER B 240 -0.94 -24.01 -1.89
CA SER B 240 -1.78 -24.11 -0.70
C SER B 240 -2.37 -25.49 -0.56
N ASN B 241 -2.71 -25.89 0.67
CA ASN B 241 -3.51 -27.10 0.89
C ASN B 241 -4.79 -27.00 0.06
N THR B 242 -5.42 -25.83 0.06
CA THR B 242 -6.67 -25.63 -0.68
C THR B 242 -6.56 -26.10 -2.13
N PHE B 243 -5.58 -25.57 -2.86
CA PHE B 243 -5.40 -25.90 -4.24
C PHE B 243 -4.96 -27.35 -4.45
N TRP B 244 -3.92 -27.78 -3.73
CA TRP B 244 -3.31 -29.09 -3.99
C TRP B 244 -4.32 -30.21 -3.70
N LYS B 245 -5.14 -30.03 -2.67
CA LYS B 245 -6.16 -31.03 -2.36
C LYS B 245 -7.34 -31.00 -3.32
N SER B 246 -7.52 -29.91 -4.06
CA SER B 246 -8.65 -29.78 -4.96
C SER B 246 -8.49 -30.60 -6.24
N LEU B 247 -7.26 -30.99 -6.54
CA LEU B 247 -6.94 -31.76 -7.73
C LEU B 247 -7.29 -33.23 -7.57
N PRO B 248 -7.86 -33.84 -8.62
CA PRO B 248 -7.93 -35.30 -8.60
C PRO B 248 -6.52 -35.88 -8.53
N ALA B 249 -6.36 -37.04 -7.90
CA ALA B 249 -5.04 -37.63 -7.71
C ALA B 249 -4.27 -37.80 -9.02
N ASP B 250 -4.93 -38.27 -10.07
CA ASP B 250 -4.20 -38.50 -11.31
C ASP B 250 -3.70 -37.21 -11.94
N LYS B 251 -4.46 -36.11 -11.79
CA LYS B 251 -4.04 -34.84 -12.36
C LYS B 251 -2.93 -34.22 -11.53
N ARG B 252 -3.07 -34.35 -10.21
CA ARG B 252 -2.02 -33.89 -9.30
C ARG B 252 -0.68 -34.55 -9.63
N LYS B 253 -0.71 -35.83 -9.99
CA LYS B 253 0.50 -36.58 -10.28
C LYS B 253 1.22 -35.98 -11.48
N VAL B 254 0.45 -35.64 -12.51
CA VAL B 254 0.99 -35.05 -13.74
C VAL B 254 1.47 -33.61 -13.52
N ILE B 255 0.68 -32.83 -12.79
CA ILE B 255 1.08 -31.47 -12.44
C ILE B 255 2.37 -31.49 -11.63
N LYS B 256 2.46 -32.37 -10.65
CA LYS B 256 3.68 -32.50 -9.85
C LYS B 256 4.89 -32.93 -10.69
N ALA B 257 4.69 -33.91 -11.59
CA ALA B 257 5.77 -34.35 -12.46
C ALA B 257 6.22 -33.17 -13.34
N SER B 258 5.26 -32.38 -13.80
CA SER B 258 5.55 -31.23 -14.65
C SER B 258 6.35 -30.19 -13.88
N LEU B 259 5.98 -29.97 -12.63
CA LEU B 259 6.67 -28.98 -11.83
C LEU B 259 8.10 -29.45 -11.59
N ASP B 260 8.23 -30.73 -11.25
CA ASP B 260 9.55 -31.30 -10.98
C ASP B 260 10.47 -31.07 -12.17
N GLU B 261 9.97 -31.33 -13.37
CA GLU B 261 10.77 -31.20 -14.57
C GLU B 261 11.07 -29.74 -14.84
N ALA B 262 10.09 -28.88 -14.61
CA ALA B 262 10.30 -27.43 -14.74
C ALA B 262 11.37 -26.91 -13.77
N ILE B 263 11.43 -27.48 -12.56
CA ILE B 263 12.45 -27.07 -11.59
C ILE B 263 13.84 -27.53 -12.07
N ALA B 264 13.91 -28.77 -12.58
CA ALA B 264 15.17 -29.27 -13.15
C ALA B 264 15.67 -28.36 -14.27
N TYR B 265 14.73 -27.90 -15.10
CA TYR B 265 15.00 -26.95 -16.18
C TYR B 265 15.52 -25.64 -15.62
N GLY B 266 14.81 -25.10 -14.64
CA GLY B 266 15.22 -23.86 -13.99
C GLY B 266 16.59 -23.93 -13.34
N ASN B 267 16.89 -25.07 -12.74
CA ASN B 267 18.20 -25.29 -12.13
C ASN B 267 19.30 -25.24 -13.16
N GLU B 268 19.06 -25.82 -14.33
CA GLU B 268 20.00 -25.71 -15.45
C GLU B 268 20.23 -24.24 -15.86
N ILE B 269 19.13 -23.51 -15.99
CA ILE B 269 19.19 -22.10 -16.31
C ILE B 269 19.97 -21.34 -15.22
N ALA B 270 19.72 -21.66 -13.96
CA ALA B 270 20.40 -20.95 -12.87
C ALA B 270 21.91 -21.12 -12.97
N ALA B 271 22.34 -22.34 -13.21
CA ALA B 271 23.78 -22.59 -13.31
C ALA B 271 24.39 -21.85 -14.51
N ALA B 272 23.68 -21.84 -15.63
CA ALA B 272 24.16 -21.18 -16.84
C ALA B 272 24.22 -19.67 -16.68
N LYS B 273 23.27 -19.10 -15.92
CA LYS B 273 23.16 -17.65 -15.82
C LYS B 273 24.29 -17.05 -14.99
N VAL B 274 24.88 -17.84 -14.09
CA VAL B 274 25.97 -17.33 -13.27
C VAL B 274 27.08 -16.71 -14.11
N ASN B 275 27.69 -17.49 -15.01
CA ASN B 275 28.77 -16.97 -15.85
C ASN B 275 28.28 -15.99 -16.90
N LYS B 276 27.12 -16.26 -17.51
CA LYS B 276 26.65 -15.41 -18.58
C LYS B 276 26.36 -14.00 -18.08
N ASP B 277 25.64 -13.91 -16.96
CA ASP B 277 25.26 -12.60 -16.44
C ASP B 277 26.39 -11.85 -15.73
N LYS B 278 27.24 -12.55 -14.98
CA LYS B 278 28.46 -11.94 -14.47
C LYS B 278 29.22 -11.29 -15.61
N GLN B 279 29.37 -12.01 -16.72
CA GLN B 279 30.19 -11.52 -17.81
C GLN B 279 29.54 -10.35 -18.52
N ALA B 280 28.21 -10.37 -18.61
CA ALA B 280 27.50 -9.26 -19.23
C ALA B 280 27.60 -8.00 -18.37
N ILE B 281 27.59 -8.17 -17.04
CA ILE B 281 27.79 -7.04 -16.12
C ILE B 281 29.17 -6.42 -16.36
N ILE B 282 30.18 -7.28 -16.37
CA ILE B 282 31.54 -6.81 -16.57
C ILE B 282 31.68 -6.12 -17.94
N ASP B 283 31.15 -6.74 -18.99
CA ASP B 283 31.32 -6.21 -20.32
C ASP B 283 30.63 -4.86 -20.51
N SER B 284 29.60 -4.58 -19.73
CA SER B 284 28.91 -3.29 -19.84
C SER B 284 29.80 -2.10 -19.46
N LYS B 285 30.82 -2.34 -18.65
CA LYS B 285 31.67 -1.26 -18.12
C LYS B 285 30.94 -0.19 -17.27
N ARG B 286 29.74 -0.50 -16.77
CA ARG B 286 28.97 0.46 -15.96
C ARG B 286 29.31 0.31 -14.48
N SER B 287 29.85 -0.84 -14.13
CA SER B 287 30.15 -1.11 -12.76
C SER B 287 31.52 -1.75 -12.70
N GLU B 288 32.08 -1.82 -11.50
CA GLU B 288 33.40 -2.37 -11.34
C GLU B 288 33.29 -3.55 -10.40
N VAL B 289 33.76 -4.71 -10.84
CA VAL B 289 33.74 -5.88 -9.99
C VAL B 289 35.05 -6.03 -9.25
N THR B 290 34.95 -6.15 -7.94
CA THR B 290 36.11 -6.34 -7.08
C THR B 290 36.23 -7.78 -6.64
N TYR B 291 37.45 -8.31 -6.72
CA TYR B 291 37.73 -9.66 -6.28
C TYR B 291 38.53 -9.59 -4.97
N LEU B 292 38.16 -10.43 -4.02
CA LEU B 292 38.84 -10.49 -2.74
C LEU B 292 39.90 -11.56 -2.65
N THR B 293 41.00 -11.25 -1.99
CA THR B 293 41.95 -12.29 -1.62
C THR B 293 41.33 -13.09 -0.51
N PRO B 294 41.90 -14.26 -0.20
CA PRO B 294 41.45 -15.04 0.96
C PRO B 294 41.48 -14.26 2.28
N GLU B 295 42.52 -13.46 2.50
CA GLU B 295 42.60 -12.66 3.73
C GLU B 295 41.45 -11.67 3.83
N GLN B 296 41.13 -11.02 2.72
CA GLN B 296 40.06 -10.05 2.73
C GLN B 296 38.71 -10.75 2.99
N ARG B 297 38.51 -11.89 2.34
N ARG B 297 38.48 -11.90 2.36
CA ARG B 297 37.28 -12.68 2.51
CA ARG B 297 37.22 -12.60 2.53
C ARG B 297 37.10 -13.04 3.98
C ARG B 297 37.06 -13.13 3.96
N ALA B 298 38.16 -13.58 4.57
CA ALA B 298 38.13 -14.01 5.95
C ALA B 298 37.71 -12.89 6.91
N ALA B 299 38.03 -11.63 6.58
CA ALA B 299 37.61 -10.52 7.43
C ALA B 299 36.07 -10.44 7.46
N TRP B 300 35.44 -10.64 6.31
CA TRP B 300 33.99 -10.63 6.23
C TRP B 300 33.41 -11.84 6.97
N VAL B 301 34.01 -13.01 6.75
CA VAL B 301 33.57 -14.22 7.43
C VAL B 301 33.62 -14.05 8.95
N ASN B 302 34.73 -13.50 9.44
N ASN B 302 34.72 -13.49 9.45
CA ASN B 302 34.94 -13.33 10.87
CA ASN B 302 34.91 -13.36 10.89
C ASN B 302 33.97 -12.33 11.50
C ASN B 302 33.96 -12.33 11.50
N ALA B 303 33.57 -11.34 10.72
CA ALA B 303 32.61 -10.34 11.18
C ALA B 303 31.19 -10.88 11.17
N LYS B 305 29.92 -14.36 10.57
CA LYS B 305 29.55 -15.70 11.02
C LYS B 305 29.06 -15.71 12.47
N PRO B 306 29.51 -14.74 13.30
CA PRO B 306 28.98 -14.69 14.66
C PRO B 306 27.47 -14.46 14.79
N VAL B 307 26.79 -14.06 13.71
CA VAL B 307 25.35 -13.81 13.84
C VAL B 307 24.55 -15.12 13.91
N TRP B 308 25.17 -16.26 13.56
CA TRP B 308 24.40 -17.50 13.58
C TRP B 308 23.91 -17.83 14.98
N ALA B 309 24.71 -17.55 15.99
CA ALA B 309 24.36 -17.94 17.34
C ALA B 309 23.01 -17.36 17.80
N GLN B 310 22.68 -16.16 17.34
CA GLN B 310 21.40 -15.51 17.64
C GLN B 310 20.19 -16.32 17.25
N PHE B 311 20.34 -17.11 16.19
CA PHE B 311 19.20 -17.76 15.58
C PHE B 311 19.21 -19.28 15.69
N GLU B 312 20.29 -19.85 16.21
CA GLU B 312 20.48 -21.29 16.06
C GLU B 312 19.44 -22.12 16.85
N ASP B 313 19.04 -21.68 18.03
CA ASP B 313 18.09 -22.47 18.79
C ASP B 313 16.72 -22.55 18.09
N LYS B 314 16.26 -21.44 17.52
CA LYS B 314 14.97 -21.44 16.82
C LYS B 314 15.03 -22.12 15.46
N ILE B 315 16.16 -22.02 14.78
CA ILE B 315 16.32 -22.76 13.52
C ILE B 315 16.38 -24.26 13.78
N GLY B 316 17.20 -24.63 14.76
CA GLY B 316 17.49 -26.01 15.05
C GLY B 316 18.96 -26.30 14.79
N LYS B 317 19.72 -26.50 15.87
CA LYS B 317 21.14 -26.75 15.76
C LYS B 317 21.48 -27.99 14.90
N ASP B 318 20.67 -29.04 14.99
CA ASP B 318 20.94 -30.26 14.22
C ASP B 318 20.75 -29.99 12.72
N LEU B 319 19.78 -29.13 12.37
CA LEU B 319 19.61 -28.68 10.98
C LEU B 319 20.84 -27.93 10.52
N ILE B 320 21.28 -26.95 11.31
CA ILE B 320 22.50 -26.21 10.98
C ILE B 320 23.73 -27.11 10.87
N ASP B 321 23.83 -28.11 11.76
CA ASP B 321 24.95 -29.04 11.72
C ASP B 321 24.96 -29.84 10.42
N ALA B 322 23.79 -30.27 9.96
CA ALA B 322 23.71 -31.00 8.70
C ALA B 322 24.08 -30.09 7.52
N ALA B 323 23.67 -28.82 7.56
CA ALA B 323 24.01 -27.85 6.51
C ALA B 323 25.52 -27.60 6.43
N VAL B 324 26.18 -27.45 7.57
CA VAL B 324 27.63 -27.30 7.60
C VAL B 324 28.28 -28.55 7.01
N ALA B 325 27.76 -29.71 7.37
CA ALA B 325 28.29 -30.98 6.94
C ALA B 325 28.17 -31.18 5.44
N SER B 326 27.25 -30.45 4.81
N SER B 326 27.25 -30.45 4.81
CA SER B 326 27.03 -30.57 3.36
CA SER B 326 27.03 -30.56 3.36
C SER B 326 28.18 -29.98 2.54
C SER B 326 28.18 -29.97 2.54
N ASN B 327 29.04 -29.19 3.17
CA ASN B 327 30.20 -28.65 2.47
C ASN B 327 31.26 -29.69 2.12
N GLU B 328 31.24 -30.80 2.82
CA GLU B 328 32.22 -31.86 2.58
C GLU B 328 33.64 -31.37 2.83
N ALA C 24 31.91 17.26 -12.37
CA ALA C 24 30.96 16.28 -12.88
C ALA C 24 29.71 16.98 -13.39
N PRO C 25 29.11 16.43 -14.46
CA PRO C 25 27.87 17.04 -14.96
C PRO C 25 26.73 16.89 -13.98
N THR C 26 25.83 17.86 -13.99
CA THR C 26 24.58 17.80 -13.26
C THR C 26 23.67 16.83 -13.99
N GLU C 27 23.24 15.78 -13.29
CA GLU C 27 22.41 14.76 -13.93
C GLU C 27 20.95 15.13 -13.80
N ILE C 28 20.23 15.03 -14.92
CA ILE C 28 18.80 15.29 -14.98
C ILE C 28 18.13 14.06 -15.59
N LYS C 29 17.02 13.64 -14.99
CA LYS C 29 16.40 12.36 -15.31
C LYS C 29 15.10 12.52 -16.10
N PHE C 30 14.92 11.65 -17.09
CA PHE C 30 13.69 11.58 -17.87
C PHE C 30 13.19 10.15 -17.76
N SER C 31 12.00 9.96 -17.18
N SER C 31 11.99 9.99 -17.20
CA SER C 31 11.45 8.62 -17.04
CA SER C 31 11.39 8.68 -17.00
C SER C 31 10.10 8.49 -17.72
C SER C 31 10.16 8.56 -17.87
N HIS C 32 9.92 7.38 -18.42
CA HIS C 32 8.66 7.10 -19.10
C HIS C 32 8.36 5.59 -19.12
N VAL C 33 7.19 5.25 -19.65
CA VAL C 33 6.64 3.91 -19.53
C VAL C 33 6.66 3.10 -20.81
N VAL C 34 7.09 3.69 -21.91
CA VAL C 34 7.06 2.96 -23.18
C VAL C 34 8.42 2.35 -23.57
N ALA C 35 8.36 1.52 -24.60
CA ALA C 35 9.52 0.94 -25.25
C ALA C 35 10.36 2.01 -25.93
N GLU C 36 11.62 1.70 -26.19
CA GLU C 36 12.52 2.68 -26.78
C GLU C 36 12.16 3.01 -28.23
N ASN C 37 11.70 2.01 -28.97
CA ASN C 37 11.42 2.23 -30.39
C ASN C 37 10.02 2.74 -30.65
N THR C 38 9.76 3.95 -30.17
CA THR C 38 8.45 4.58 -30.15
C THR C 38 8.69 6.07 -30.25
N PRO C 39 7.62 6.85 -30.47
CA PRO C 39 7.90 8.29 -30.55
C PRO C 39 8.43 8.89 -29.22
N LYS C 40 7.87 8.47 -28.08
CA LYS C 40 8.30 9.01 -26.81
C LYS C 40 9.67 8.47 -26.47
N GLY C 41 9.94 7.20 -26.76
CA GLY C 41 11.23 6.61 -26.48
C GLY C 41 12.31 7.34 -27.26
N GLN C 42 12.03 7.63 -28.53
CA GLN C 42 13.01 8.33 -29.37
C GLN C 42 13.15 9.82 -29.04
N ALA C 44 12.93 11.07 -26.05
CA ALA C 44 13.72 11.16 -24.83
C ALA C 44 15.22 10.97 -25.14
N LEU C 45 15.53 10.04 -26.03
CA LEU C 45 16.92 9.78 -26.39
C LEU C 45 17.51 10.91 -27.22
N LYS C 46 16.67 11.54 -28.06
CA LYS C 46 17.12 12.70 -28.82
C LYS C 46 17.38 13.89 -27.87
N PHE C 47 16.52 14.06 -26.87
CA PHE C 47 16.69 15.11 -25.87
C PHE C 47 18.04 14.94 -25.19
N LYS C 48 18.32 13.71 -24.78
CA LYS C 48 19.61 13.41 -24.16
C LYS C 48 20.76 13.77 -25.09
N GLN C 49 20.65 13.35 -26.35
CA GLN C 49 21.72 13.60 -27.30
C GLN C 49 21.99 15.09 -27.44
N LEU C 50 20.95 15.89 -27.64
CA LEU C 50 21.12 17.31 -27.92
C LEU C 50 21.65 18.08 -26.70
N VAL C 51 21.11 17.80 -25.52
CA VAL C 51 21.57 18.46 -24.31
C VAL C 51 23.05 18.19 -24.08
N GLU C 52 23.46 16.94 -24.27
CA GLU C 52 24.84 16.56 -23.98
C GLU C 52 25.83 17.08 -25.02
N GLU C 53 25.38 17.26 -26.27
CA GLU C 53 26.14 17.92 -27.32
C GLU C 53 26.33 19.41 -27.03
N ARG C 54 25.30 20.05 -26.49
CA ARG C 54 25.26 21.51 -26.39
C ARG C 54 25.83 22.00 -25.06
N LEU C 55 25.74 21.17 -24.03
CA LEU C 55 26.20 21.52 -22.70
C LEU C 55 27.12 20.42 -22.18
N PRO C 56 28.15 20.07 -22.98
CA PRO C 56 28.98 18.91 -22.66
C PRO C 56 29.71 19.08 -21.35
N GLY C 57 29.60 18.10 -20.47
CA GLY C 57 30.23 18.12 -19.16
C GLY C 57 29.46 18.92 -18.12
N GLU C 58 28.39 19.58 -18.54
CA GLU C 58 27.63 20.46 -17.65
C GLU C 58 26.36 19.78 -17.20
N TYR C 59 25.64 19.20 -18.16
CA TYR C 59 24.42 18.46 -17.88
C TYR C 59 24.47 17.12 -18.57
N GLN C 60 23.91 16.11 -17.91
CA GLN C 60 23.78 14.77 -18.46
C GLN C 60 22.35 14.32 -18.24
N VAL C 61 21.73 13.79 -19.30
CA VAL C 61 20.36 13.33 -19.22
C VAL C 61 20.35 11.81 -19.09
N ASN C 62 19.79 11.32 -17.99
CA ASN C 62 19.63 9.89 -17.75
C ASN C 62 18.20 9.49 -18.07
N VAL C 63 18.06 8.60 -19.05
CA VAL C 63 16.75 8.21 -19.59
C VAL C 63 16.38 6.81 -19.11
N PHE C 64 15.17 6.69 -18.55
CA PHE C 64 14.69 5.42 -18.02
C PHE C 64 13.35 5.06 -18.70
N PRO C 65 13.41 4.17 -19.70
CA PRO C 65 12.19 3.79 -20.42
C PRO C 65 11.49 2.64 -19.67
N ASN C 66 10.38 2.14 -20.22
CA ASN C 66 9.77 0.88 -19.76
C ASN C 66 9.45 0.82 -18.27
N SER C 67 9.14 1.98 -17.69
CA SER C 67 8.80 2.06 -16.27
C SER C 67 9.93 1.58 -15.38
N GLN C 68 11.16 1.67 -15.89
CA GLN C 68 12.31 1.22 -15.11
C GLN C 68 12.51 1.99 -13.80
N LEU C 69 12.24 3.29 -13.83
CA LEU C 69 12.46 4.16 -12.69
C LEU C 69 11.15 4.47 -11.99
N PHE C 70 10.24 5.14 -12.70
CA PHE C 70 8.87 5.37 -12.21
C PHE C 70 7.86 4.91 -13.24
N GLY C 71 6.68 4.55 -12.76
CA GLY C 71 5.62 4.05 -13.61
C GLY C 71 4.43 4.99 -13.62
N ASP C 72 3.33 4.54 -14.22
CA ASP C 72 2.13 5.35 -14.38
C ASP C 72 1.69 5.93 -13.03
N ASN C 73 1.68 5.10 -12.01
CA ASN C 73 1.01 5.50 -10.78
C ASN C 73 1.82 6.46 -9.91
N ASN C 74 3.14 6.41 -10.00
CA ASN C 74 3.94 7.26 -9.13
C ASN C 74 4.81 8.33 -9.81
N GLU C 75 4.77 8.44 -11.13
CA GLU C 75 5.69 9.39 -11.79
C GLU C 75 5.42 10.89 -11.49
N LEU C 76 4.17 11.32 -11.38
CA LEU C 76 3.92 12.74 -11.11
C LEU C 76 4.35 13.13 -9.69
N SER C 77 4.11 12.27 -8.70
N SER C 77 4.10 12.27 -8.71
CA SER C 77 4.52 12.57 -7.34
CA SER C 77 4.54 12.53 -7.35
C SER C 77 6.05 12.59 -7.28
C SER C 77 6.06 12.61 -7.32
N ALA C 78 6.70 11.69 -8.03
CA ALA C 78 8.14 11.67 -8.11
C ALA C 78 8.66 12.95 -8.74
N LEU C 79 7.97 13.45 -9.75
CA LEU C 79 8.33 14.72 -10.38
C LEU C 79 8.25 15.87 -9.38
N LEU C 80 7.16 15.95 -8.63
CA LEU C 80 7.00 17.06 -7.68
C LEU C 80 7.98 16.98 -6.52
N LEU C 81 8.35 15.76 -6.14
CA LEU C 81 9.38 15.51 -5.12
C LEU C 81 10.79 15.73 -5.68
N ASN C 82 10.87 15.98 -6.98
CA ASN C 82 12.16 16.17 -7.70
C ASN C 82 13.10 14.96 -7.65
N ASP C 83 12.49 13.76 -7.63
CA ASP C 83 13.19 12.50 -7.77
C ASP C 83 13.33 12.14 -9.26
N VAL C 84 12.64 12.91 -10.10
CA VAL C 84 12.78 12.83 -11.55
C VAL C 84 12.51 14.26 -12.04
N GLN C 85 13.10 14.64 -13.18
CA GLN C 85 13.06 16.02 -13.69
C GLN C 85 12.14 16.23 -14.89
N PHE C 86 11.97 15.19 -15.71
CA PHE C 86 11.06 15.26 -16.85
C PHE C 86 10.27 13.96 -16.92
N VAL C 87 8.96 14.10 -17.15
CA VAL C 87 8.10 12.97 -17.49
C VAL C 87 7.20 13.43 -18.63
N ALA C 88 6.57 12.50 -19.31
CA ALA C 88 5.67 12.86 -20.40
C ALA C 88 4.47 11.92 -20.45
N PRO C 89 3.58 12.04 -19.45
CA PRO C 89 2.41 11.15 -19.38
C PRO C 89 1.40 11.44 -20.48
N SER C 90 0.61 10.43 -20.83
CA SER C 90 -0.61 10.67 -21.57
C SER C 90 -1.39 11.82 -20.98
N LEU C 91 -2.03 12.60 -21.83
CA LEU C 91 -2.88 13.71 -21.38
C LEU C 91 -4.03 13.21 -20.51
N SER C 92 -4.28 11.91 -20.58
CA SER C 92 -5.28 11.25 -19.75
C SER C 92 -4.98 11.17 -18.27
N LYS C 93 -3.71 11.35 -17.90
CA LYS C 93 -3.24 10.96 -16.58
C LYS C 93 -2.96 12.13 -15.62
N PHE C 94 -3.64 13.25 -15.85
CA PHE C 94 -3.43 14.48 -15.07
C PHE C 94 -4.62 14.92 -14.18
N GLU C 95 -5.64 14.08 -13.96
CA GLU C 95 -6.81 14.51 -13.18
C GLU C 95 -6.50 15.05 -11.79
N ARG C 96 -5.43 14.56 -11.17
CA ARG C 96 -5.12 15.00 -9.83
C ARG C 96 -4.62 16.44 -9.80
N TYR C 97 -4.28 16.99 -10.97
CA TYR C 97 -3.69 18.32 -11.04
C TYR C 97 -4.52 19.34 -11.80
N THR C 98 -5.36 18.86 -12.73
CA THR C 98 -6.29 19.73 -13.43
C THR C 98 -7.44 18.86 -13.94
N LYS C 99 -8.59 19.48 -14.16
CA LYS C 99 -9.70 18.77 -14.80
C LYS C 99 -9.79 19.09 -16.30
N LYS C 100 -8.96 20.00 -16.79
CA LYS C 100 -9.08 20.49 -18.16
C LYS C 100 -8.53 19.52 -19.20
N LEU C 101 -7.47 18.80 -18.86
CA LEU C 101 -6.84 17.95 -19.84
C LEU C 101 -7.66 16.68 -20.14
N GLN C 102 -8.68 16.40 -19.32
CA GLN C 102 -9.65 15.35 -19.62
C GLN C 102 -10.31 15.53 -20.99
N LEU C 103 -10.30 16.77 -21.45
CA LEU C 103 -10.72 17.10 -22.81
C LEU C 103 -10.23 16.06 -23.81
N PHE C 104 -8.95 15.72 -23.71
CA PHE C 104 -8.30 14.88 -24.69
C PHE C 104 -8.77 13.42 -24.70
N ASP C 105 -9.53 13.03 -23.67
CA ASP C 105 -10.05 11.68 -23.59
C ASP C 105 -11.45 11.59 -24.17
N LEU C 106 -12.06 12.74 -24.46
CA LEU C 106 -13.45 12.70 -24.91
C LEU C 106 -13.54 11.89 -26.20
N PRO C 107 -14.45 10.89 -26.25
CA PRO C 107 -14.49 10.04 -27.46
C PRO C 107 -14.98 10.81 -28.69
N PHE C 108 -14.23 10.64 -29.78
CA PHE C 108 -14.56 11.23 -31.07
C PHE C 108 -14.55 12.75 -31.08
N LEU C 109 -13.80 13.36 -30.17
CA LEU C 109 -13.67 14.82 -30.19
C LEU C 109 -12.91 15.33 -31.42
N PHE C 110 -11.79 14.69 -31.71
CA PHE C 110 -10.93 15.08 -32.82
C PHE C 110 -11.05 14.02 -33.89
N LYS C 111 -11.25 14.46 -35.12
CA LYS C 111 -11.41 13.52 -36.22
C LYS C 111 -10.07 12.83 -36.52
N ASP C 112 -8.98 13.57 -36.41
CA ASP C 112 -7.65 13.06 -36.77
C ASP C 112 -6.52 13.88 -36.16
N ASP C 114 -4.40 15.84 -37.54
CA ASP C 114 -4.34 17.22 -38.04
C ASP C 114 -5.14 18.16 -37.12
N ALA C 115 -6.30 17.69 -36.68
CA ALA C 115 -7.17 18.48 -35.81
C ALA C 115 -6.55 18.61 -34.42
N VAL C 116 -5.99 17.50 -33.95
CA VAL C 116 -5.33 17.47 -32.66
C VAL C 116 -4.23 18.52 -32.63
N ASN C 117 -3.40 18.50 -33.66
CA ASN C 117 -2.28 19.43 -33.70
C ASN C 117 -2.74 20.88 -33.82
N ARG C 118 -3.77 21.10 -34.63
CA ARG C 118 -4.33 22.44 -34.78
C ARG C 118 -4.82 22.97 -33.42
N PHE C 119 -5.52 22.14 -32.68
CA PHE C 119 -5.95 22.55 -31.36
C PHE C 119 -4.77 22.80 -30.41
N GLN C 120 -3.83 21.87 -30.39
CA GLN C 120 -2.69 21.99 -29.50
C GLN C 120 -1.85 23.26 -29.73
N GLN C 121 -1.67 23.65 -31.00
CA GLN C 121 -0.84 24.80 -31.33
C GLN C 121 -1.57 26.14 -31.30
N SER C 122 -2.88 26.10 -31.11
CA SER C 122 -3.69 27.33 -31.00
C SER C 122 -3.53 28.00 -29.64
N ASP C 123 -4.05 29.22 -29.53
CA ASP C 123 -4.05 29.89 -28.24
C ASP C 123 -4.69 29.02 -27.17
N ALA C 124 -5.85 28.45 -27.46
CA ALA C 124 -6.52 27.64 -26.45
C ALA C 124 -5.69 26.44 -26.03
N GLY C 125 -5.06 25.78 -26.99
CA GLY C 125 -4.27 24.60 -26.69
C GLY C 125 -3.01 24.94 -25.94
N GLN C 126 -2.34 26.00 -26.35
CA GLN C 126 -1.10 26.40 -25.70
C GLN C 126 -1.32 26.88 -24.25
N GLN C 127 -2.45 27.51 -23.95
CA GLN C 127 -2.72 27.92 -22.58
C GLN C 127 -2.79 26.72 -21.63
N LEU C 128 -3.18 25.55 -22.13
CA LEU C 128 -3.31 24.38 -21.27
C LEU C 128 -1.95 23.88 -20.79
N LEU C 129 -0.88 24.29 -21.45
CA LEU C 129 0.46 23.93 -20.94
C LEU C 129 0.68 24.57 -19.56
N ASN C 130 -0.10 25.59 -19.26
CA ASN C 130 0.03 26.31 -17.99
C ASN C 130 -1.01 25.91 -16.97
N SER C 131 -1.78 24.88 -17.28
CA SER C 131 -2.95 24.55 -16.47
C SER C 131 -2.66 24.01 -15.09
N LYS C 133 0.42 24.92 -13.38
CA LYS C 133 1.50 25.70 -12.83
C LYS C 133 1.23 26.10 -11.38
N ARG C 134 -0.03 26.34 -11.05
CA ARG C 134 -0.37 26.71 -9.67
C ARG C 134 -0.23 25.51 -8.72
N LYS C 135 -0.14 24.31 -9.29
CA LYS C 135 0.00 23.10 -8.52
C LYS C 135 1.39 22.50 -8.63
N GLY C 136 2.31 23.26 -9.22
CA GLY C 136 3.72 22.93 -9.17
C GLY C 136 4.27 22.31 -10.43
N VAL C 137 3.45 22.21 -11.47
CA VAL C 137 3.83 21.49 -12.70
C VAL C 137 3.92 22.44 -13.89
N VAL C 138 5.06 22.41 -14.57
CA VAL C 138 5.31 23.23 -15.76
C VAL C 138 5.09 22.38 -17.00
N GLY C 139 4.16 22.79 -17.86
CA GLY C 139 3.99 22.14 -19.14
C GLY C 139 4.96 22.72 -20.16
N LEU C 140 5.75 21.85 -20.77
CA LEU C 140 6.83 22.26 -21.67
C LEU C 140 6.44 22.13 -23.14
N GLY C 141 5.61 21.15 -23.44
CA GLY C 141 5.18 20.91 -24.81
C GLY C 141 4.29 19.71 -24.96
N TYR C 142 3.49 19.69 -26.03
CA TYR C 142 2.77 18.48 -26.42
C TYR C 142 3.68 17.59 -27.26
N LEU C 143 3.50 16.29 -27.10
CA LEU C 143 4.20 15.31 -27.95
C LEU C 143 3.19 14.32 -28.49
N HIS C 144 3.22 14.06 -29.79
CA HIS C 144 2.23 13.18 -30.40
C HIS C 144 2.55 11.72 -30.21
N ASN C 145 1.51 10.90 -30.10
CA ASN C 145 1.61 9.47 -30.40
C ASN C 145 0.68 9.16 -31.56
N GLY C 146 -0.64 9.10 -31.33
CA GLY C 146 -1.55 8.91 -32.43
C GLY C 146 -2.97 8.67 -31.98
N LYS C 148 -6.25 6.38 -31.11
CA LYS C 148 -6.43 5.08 -30.43
C LYS C 148 -7.34 4.18 -31.25
N GLN C 149 -7.02 2.89 -31.19
CA GLN C 149 -7.80 1.82 -31.81
C GLN C 149 -8.23 0.83 -30.72
N PHE C 150 -9.44 0.26 -30.87
CA PHE C 150 -9.88 -0.82 -29.98
C PHE C 150 -9.19 -2.15 -30.36
N SER C 151 -8.92 -3.00 -29.37
CA SER C 151 -8.63 -4.40 -29.65
C SER C 151 -9.35 -5.29 -28.63
N ALA C 152 -9.58 -6.54 -29.01
CA ALA C 152 -10.16 -7.52 -28.12
C ALA C 152 -9.91 -8.91 -28.68
N SER C 153 -10.31 -9.92 -27.91
CA SER C 153 -10.17 -11.30 -28.34
C SER C 153 -11.41 -11.75 -29.09
N SER C 154 -12.15 -10.79 -29.64
CA SER C 154 -13.31 -11.03 -30.49
C SER C 154 -13.54 -9.74 -31.27
N PRO C 155 -14.23 -9.81 -32.42
CA PRO C 155 -14.48 -8.65 -33.29
C PRO C 155 -15.27 -7.52 -32.63
N LEU C 156 -14.88 -6.27 -32.89
CA LEU C 156 -15.59 -5.10 -32.36
C LEU C 156 -16.08 -4.26 -33.51
N VAL C 157 -17.28 -4.59 -34.01
CA VAL C 157 -17.83 -3.90 -35.18
C VAL C 157 -18.89 -2.85 -34.81
N LEU C 158 -19.87 -3.25 -34.01
CA LEU C 158 -20.82 -2.29 -33.44
C LEU C 158 -20.66 -2.23 -31.92
N PRO C 159 -21.16 -1.16 -31.29
CA PRO C 159 -20.95 -0.98 -29.85
C PRO C 159 -21.49 -2.13 -29.00
N GLU C 160 -22.53 -2.82 -29.47
CA GLU C 160 -23.06 -3.98 -28.77
C GLU C 160 -22.02 -5.10 -28.61
N ASP C 161 -21.03 -5.12 -29.50
CA ASP C 161 -19.99 -6.14 -29.46
C ASP C 161 -19.11 -6.01 -28.22
N ALA C 162 -19.05 -4.81 -27.65
CA ALA C 162 -18.20 -4.60 -26.48
C ALA C 162 -18.90 -4.98 -25.18
N GLN C 163 -20.18 -5.31 -25.30
CA GLN C 163 -20.99 -5.56 -24.12
C GLN C 163 -20.42 -6.69 -23.28
N GLY C 164 -20.25 -6.40 -22.00
CA GLY C 164 -19.83 -7.39 -21.03
C GLY C 164 -18.36 -7.74 -21.04
N LYS C 165 -17.60 -7.07 -21.90
CA LYS C 165 -16.19 -7.39 -22.01
C LYS C 165 -15.36 -6.44 -21.16
N LYS C 166 -14.26 -6.96 -20.64
CA LYS C 166 -13.37 -6.16 -19.79
C LYS C 166 -12.26 -5.52 -20.61
N PHE C 167 -12.15 -4.20 -20.49
CA PHE C 167 -11.13 -3.43 -21.19
C PHE C 167 -10.21 -2.76 -20.18
N ARG C 168 -8.91 -2.96 -20.32
CA ARG C 168 -7.97 -2.12 -19.57
C ARG C 168 -8.08 -0.69 -20.09
N ILE C 169 -8.00 0.26 -19.17
CA ILE C 169 -7.86 1.66 -19.52
C ILE C 169 -6.75 2.29 -18.73
N ALA C 171 -5.62 5.34 -16.33
CA ALA C 171 -6.34 5.77 -15.14
C ALA C 171 -7.05 7.08 -15.45
N SER C 172 -8.22 6.98 -16.05
CA SER C 172 -9.00 8.15 -16.44
C SER C 172 -10.48 7.93 -16.19
N ASP C 173 -11.13 8.85 -15.49
CA ASP C 173 -12.57 8.75 -15.29
C ASP C 173 -13.36 8.90 -16.62
N VAL C 174 -12.86 9.70 -17.56
CA VAL C 174 -13.53 9.83 -18.85
C VAL C 174 -13.48 8.50 -19.60
N LEU C 175 -12.34 7.82 -19.59
CA LEU C 175 -12.23 6.56 -20.29
C LEU C 175 -13.07 5.48 -19.62
N ALA C 176 -13.21 5.53 -18.29
CA ALA C 176 -14.12 4.59 -17.65
C ALA C 176 -15.55 4.80 -18.18
N ALA C 177 -15.96 6.06 -18.27
CA ALA C 177 -17.32 6.40 -18.72
C ALA C 177 -17.55 5.96 -20.16
N GLN C 178 -16.51 6.10 -20.98
CA GLN C 178 -16.54 5.73 -22.39
C GLN C 178 -16.92 4.28 -22.59
N PHE C 179 -16.25 3.40 -21.84
CA PHE C 179 -16.53 1.98 -21.93
C PHE C 179 -17.83 1.59 -21.25
N GLN C 180 -18.17 2.26 -20.16
CA GLN C 180 -19.47 2.03 -19.50
C GLN C 180 -20.64 2.40 -20.43
N ALA C 181 -20.41 3.36 -21.32
CA ALA C 181 -21.45 3.79 -22.25
C ALA C 181 -21.84 2.69 -23.24
N VAL C 182 -20.94 1.73 -23.46
CA VAL C 182 -21.21 0.61 -24.35
C VAL C 182 -21.36 -0.70 -23.57
N GLU C 183 -21.67 -0.58 -22.28
CA GLU C 183 -21.93 -1.73 -21.41
C GLU C 183 -20.72 -2.61 -21.23
N ALA C 184 -19.52 -2.05 -21.43
CA ALA C 184 -18.28 -2.77 -21.21
C ALA C 184 -17.75 -2.45 -19.81
N ILE C 185 -16.73 -3.18 -19.38
CA ILE C 185 -16.26 -3.08 -18.00
C ILE C 185 -14.83 -2.54 -18.01
N PRO C 186 -14.66 -1.28 -17.64
CA PRO C 186 -13.31 -0.72 -17.67
C PRO C 186 -12.54 -1.06 -16.40
N VAL C 187 -11.27 -1.43 -16.57
CA VAL C 187 -10.40 -1.73 -15.46
C VAL C 187 -9.14 -0.87 -15.57
N LYS C 188 -8.93 0.05 -14.63
CA LYS C 188 -7.75 0.90 -14.70
C LYS C 188 -6.52 0.10 -14.28
N LYS C 189 -5.50 0.07 -15.13
CA LYS C 189 -4.23 -0.58 -14.78
C LYS C 189 -3.07 0.21 -15.37
N PRO C 190 -1.91 0.14 -14.73
CA PRO C 190 -0.71 0.76 -15.30
C PRO C 190 -0.26 0.07 -16.60
N PHE C 191 0.35 0.85 -17.47
CA PHE C 191 0.76 0.39 -18.79
C PHE C 191 1.66 -0.84 -18.73
N SER C 192 2.53 -0.91 -17.72
CA SER C 192 3.45 -2.04 -17.61
C SER C 192 2.75 -3.39 -17.42
N GLU C 193 1.50 -3.38 -16.98
CA GLU C 193 0.80 -4.62 -16.68
C GLU C 193 -0.04 -5.14 -17.84
N VAL C 194 -0.19 -4.34 -18.89
CA VAL C 194 -1.19 -4.62 -19.91
C VAL C 194 -0.93 -5.91 -20.71
N PHE C 195 0.29 -6.10 -21.18
CA PHE C 195 0.55 -7.28 -22.01
C PHE C 195 0.16 -8.57 -21.30
N THR C 196 0.58 -8.73 -20.04
CA THR C 196 0.34 -9.98 -19.35
C THR C 196 -1.15 -10.15 -19.07
N LEU C 197 -1.85 -9.05 -18.83
CA LEU C 197 -3.27 -9.14 -18.53
C LEU C 197 -4.01 -9.60 -19.77
N LEU C 198 -3.60 -9.08 -20.93
CA LEU C 198 -4.17 -9.56 -22.19
C LEU C 198 -3.84 -11.03 -22.44
N GLN C 199 -2.56 -11.37 -22.29
CA GLN C 199 -2.07 -12.72 -22.57
C GLN C 199 -2.80 -13.76 -21.74
N THR C 200 -2.96 -13.47 -20.46
CA THR C 200 -3.63 -14.40 -19.54
C THR C 200 -5.14 -14.33 -19.59
N ARG C 201 -5.66 -13.44 -20.43
CA ARG C 201 -7.12 -13.26 -20.54
C ARG C 201 -7.77 -12.78 -19.24
N ALA C 202 -6.98 -12.14 -18.37
CA ALA C 202 -7.53 -11.43 -17.21
C ALA C 202 -8.41 -10.27 -17.72
N ILE C 203 -8.03 -9.75 -18.89
N ILE C 203 -8.02 -9.69 -18.85
CA ILE C 203 -8.73 -8.67 -19.57
CA ILE C 203 -8.86 -8.69 -19.51
C ILE C 203 -9.02 -9.09 -21.01
C ILE C 203 -9.09 -9.17 -20.94
N ASP C 204 -10.14 -8.64 -21.57
CA ASP C 204 -10.54 -9.06 -22.92
C ASP C 204 -9.96 -8.16 -24.00
N GLY C 205 -9.83 -6.87 -23.71
CA GLY C 205 -9.36 -5.93 -24.69
C GLY C 205 -8.76 -4.67 -24.12
N GLN C 206 -8.44 -3.76 -25.00
CA GLN C 206 -7.82 -2.51 -24.60
C GLN C 206 -7.96 -1.48 -25.74
N GLU C 207 -7.36 -0.31 -25.58
CA GLU C 207 -7.37 0.70 -26.63
C GLU C 207 -5.99 1.34 -26.66
N ASN C 208 -5.43 1.52 -27.84
CA ASN C 208 -4.13 2.18 -27.93
C ASN C 208 -3.75 2.51 -29.36
N THR C 209 -2.61 3.17 -29.50
CA THR C 209 -2.11 3.55 -30.80
C THR C 209 -1.43 2.37 -31.47
N TRP C 210 -1.23 2.47 -32.78
CA TRP C 210 -0.57 1.39 -33.51
C TRP C 210 0.83 1.16 -32.93
N SER C 211 1.52 2.25 -32.60
CA SER C 211 2.85 2.21 -32.02
C SER C 211 2.89 1.39 -30.74
N ASN C 212 1.99 1.64 -29.81
CA ASN C 212 1.96 0.82 -28.61
C ASN C 212 1.52 -0.63 -28.86
N ILE C 213 0.48 -0.82 -29.66
CA ILE C 213 0.00 -2.16 -29.97
C ILE C 213 1.15 -2.99 -30.55
N TYR C 214 1.94 -2.37 -31.43
CA TYR C 214 3.04 -3.10 -32.04
C TYR C 214 4.22 -3.30 -31.09
N SER C 215 4.69 -2.21 -30.47
CA SER C 215 5.93 -2.27 -29.69
C SER C 215 5.80 -3.11 -28.45
N LYS C 216 4.60 -3.16 -27.89
CA LYS C 216 4.34 -3.99 -26.72
C LYS C 216 3.75 -5.37 -27.07
N LYS C 217 3.58 -5.63 -28.36
CA LYS C 217 3.09 -6.94 -28.84
C LYS C 217 1.67 -7.27 -28.38
N PHE C 218 0.85 -6.25 -28.14
CA PHE C 218 -0.55 -6.50 -27.83
C PHE C 218 -1.22 -7.25 -29.00
N TYR C 219 -0.79 -6.96 -30.23
CA TYR C 219 -1.36 -7.63 -31.40
C TYR C 219 -1.15 -9.13 -31.41
N GLU C 220 -0.14 -9.61 -30.70
CA GLU C 220 0.12 -11.05 -30.62
C GLU C 220 -0.81 -11.76 -29.63
N VAL C 221 -1.51 -10.99 -28.79
CA VAL C 221 -2.42 -11.57 -27.81
C VAL C 221 -3.80 -10.94 -27.93
N GLN C 222 -4.07 -10.34 -29.09
CA GLN C 222 -5.40 -9.79 -29.43
C GLN C 222 -5.77 -10.17 -30.87
N SER C 223 -6.75 -11.05 -31.02
CA SER C 223 -7.09 -11.61 -32.30
C SER C 223 -7.76 -10.59 -33.24
N ASN C 224 -8.29 -9.52 -32.65
CA ASN C 224 -9.06 -8.53 -33.38
C ASN C 224 -8.71 -7.10 -32.98
N ILE C 225 -8.50 -6.27 -34.01
CA ILE C 225 -8.27 -4.83 -33.86
C ILE C 225 -9.27 -4.08 -34.74
N THR C 226 -9.86 -3.02 -34.21
CA THR C 226 -10.73 -2.16 -35.01
C THR C 226 -10.08 -0.81 -35.18
N GLU C 227 -9.99 -0.32 -36.42
CA GLU C 227 -9.47 1.00 -36.66
C GLU C 227 -10.59 2.00 -36.38
N SER C 228 -10.81 2.25 -35.11
CA SER C 228 -11.90 3.10 -34.66
C SER C 228 -11.52 4.57 -34.59
N ASN C 229 -10.24 4.86 -34.41
CA ASN C 229 -9.76 6.25 -34.30
C ASN C 229 -10.65 7.06 -33.36
N HIS C 230 -10.99 6.45 -32.22
CA HIS C 230 -12.10 6.95 -31.38
C HIS C 230 -11.65 7.91 -30.31
N GLY C 231 -10.33 8.12 -30.22
CA GLY C 231 -9.77 9.07 -29.28
C GLY C 231 -8.32 9.32 -29.61
N VAL C 232 -7.70 10.29 -28.97
CA VAL C 232 -6.30 10.55 -29.22
C VAL C 232 -5.52 10.17 -27.97
N LEU C 233 -4.36 9.57 -28.22
CA LEU C 233 -3.35 9.36 -27.20
C LEU C 233 -2.12 10.23 -27.50
N ASP C 234 -2.03 11.37 -26.83
CA ASP C 234 -0.89 12.28 -26.94
C ASP C 234 -0.39 12.55 -25.51
N TYR C 235 0.75 13.23 -25.41
CA TYR C 235 1.41 13.48 -24.15
C TYR C 235 1.61 14.98 -23.87
N VAL C 237 4.79 16.89 -22.15
CA VAL C 237 6.10 16.83 -21.51
C VAL C 237 6.09 17.86 -20.39
N VAL C 238 6.38 17.42 -19.16
CA VAL C 238 6.26 18.26 -17.99
C VAL C 238 7.52 18.19 -17.12
N THR C 239 7.74 19.27 -16.37
CA THR C 239 8.74 19.29 -15.32
C THR C 239 8.13 19.93 -14.09
N SER C 240 8.88 19.99 -13.00
CA SER C 240 8.40 20.72 -11.82
C SER C 240 8.86 22.17 -11.85
N ASN C 241 8.04 23.06 -11.29
CA ASN C 241 8.49 24.42 -10.98
C ASN C 241 9.84 24.38 -10.25
N THR C 242 9.95 23.47 -9.28
CA THR C 242 11.17 23.41 -8.50
C THR C 242 12.39 23.24 -9.38
N PHE C 243 12.38 22.24 -10.23
CA PHE C 243 13.55 21.98 -11.03
C PHE C 243 13.76 23.09 -12.07
N TRP C 244 12.69 23.46 -12.74
CA TRP C 244 12.80 24.44 -13.82
C TRP C 244 13.33 25.81 -13.33
N LYS C 245 12.86 26.26 -12.17
CA LYS C 245 13.33 27.50 -11.57
C LYS C 245 14.78 27.41 -11.10
N SER C 246 15.25 26.20 -10.84
CA SER C 246 16.61 26.00 -10.29
C SER C 246 17.70 26.22 -11.33
N LEU C 247 17.33 26.11 -12.60
CA LEU C 247 18.31 26.27 -13.68
C LEU C 247 18.68 27.72 -13.88
N PRO C 248 19.97 27.98 -14.16
CA PRO C 248 20.31 29.32 -14.64
C PRO C 248 19.57 29.66 -15.93
N ALA C 249 19.14 30.89 -16.09
CA ALA C 249 18.37 31.27 -17.29
C ALA C 249 19.04 30.85 -18.59
N ASP C 250 20.34 31.06 -18.72
CA ASP C 250 20.98 30.73 -19.99
C ASP C 250 20.95 29.22 -20.27
N LYS C 251 21.17 28.41 -19.26
CA LYS C 251 21.13 26.97 -19.45
C LYS C 251 19.70 26.48 -19.70
N ARG C 252 18.73 27.08 -19.02
CA ARG C 252 17.35 26.71 -19.19
C ARG C 252 16.95 26.92 -20.64
N LYS C 253 17.41 28.02 -21.21
CA LYS C 253 17.08 28.33 -22.60
C LYS C 253 17.63 27.26 -23.55
N VAL C 254 18.83 26.76 -23.28
CA VAL C 254 19.43 25.74 -24.15
C VAL C 254 18.69 24.42 -23.97
N ILE C 255 18.39 24.08 -22.73
CA ILE C 255 17.64 22.88 -22.45
C ILE C 255 16.26 22.92 -23.09
N LYS C 256 15.56 24.04 -23.00
CA LYS C 256 14.26 24.16 -23.63
C LYS C 256 14.34 24.02 -25.15
N ALA C 257 15.30 24.69 -25.77
CA ALA C 257 15.44 24.59 -27.22
C ALA C 257 15.73 23.14 -27.63
N SER C 258 16.58 22.46 -26.86
CA SER C 258 16.86 21.04 -27.11
C SER C 258 15.60 20.15 -26.93
N LEU C 259 14.80 20.44 -25.91
CA LEU C 259 13.55 19.71 -25.70
C LEU C 259 12.59 19.93 -26.87
N ASP C 260 12.44 21.19 -27.27
CA ASP C 260 11.57 21.52 -28.41
C ASP C 260 12.00 20.73 -29.65
N GLU C 261 13.31 20.67 -29.90
CA GLU C 261 13.78 20.01 -31.11
C GLU C 261 13.53 18.51 -30.98
N ALA C 262 13.71 17.98 -29.78
CA ALA C 262 13.48 16.58 -29.53
C ALA C 262 12.01 16.21 -29.72
N ILE C 263 11.12 17.11 -29.31
CA ILE C 263 9.68 16.91 -29.53
C ILE C 263 9.35 16.91 -31.03
N ALA C 264 9.96 17.84 -31.78
CA ALA C 264 9.73 17.87 -33.22
C ALA C 264 10.15 16.54 -33.82
N TYR C 265 11.30 16.05 -33.37
CA TYR C 265 11.83 14.79 -33.85
C TYR C 265 10.86 13.66 -33.47
N GLY C 266 10.41 13.67 -32.23
CA GLY C 266 9.49 12.64 -31.77
C GLY C 266 8.20 12.65 -32.56
N ASN C 267 7.73 13.84 -32.92
CA ASN C 267 6.50 13.97 -33.72
C ASN C 267 6.69 13.37 -35.12
N GLU C 268 7.86 13.55 -35.72
CA GLU C 268 8.13 12.92 -37.02
C GLU C 268 8.04 11.41 -36.84
N ILE C 269 8.70 10.91 -35.79
CA ILE C 269 8.69 9.49 -35.52
C ILE C 269 7.26 8.99 -35.31
N ALA C 270 6.46 9.71 -34.53
CA ALA C 270 5.08 9.31 -34.28
C ALA C 270 4.31 9.17 -35.61
N ALA C 271 4.46 10.15 -36.50
CA ALA C 271 3.74 10.08 -37.77
C ALA C 271 4.17 8.87 -38.61
N ALA C 272 5.47 8.58 -38.59
CA ALA C 272 5.98 7.42 -39.33
C ALA C 272 5.50 6.10 -38.74
N LYS C 273 5.42 6.01 -37.42
CA LYS C 273 5.07 4.75 -36.78
C LYS C 273 3.61 4.37 -37.01
N VAL C 274 2.73 5.36 -37.18
CA VAL C 274 1.33 5.07 -37.44
C VAL C 274 1.28 4.15 -38.67
N ASN C 275 1.93 4.58 -39.75
CA ASN C 275 1.94 3.78 -40.98
C ASN C 275 2.77 2.49 -40.82
N LYS C 276 3.99 2.63 -40.34
CA LYS C 276 4.90 1.48 -40.28
C LYS C 276 4.39 0.36 -39.37
N ASP C 277 3.88 0.74 -38.21
CA ASP C 277 3.47 -0.27 -37.22
C ASP C 277 2.10 -0.86 -37.55
N LYS C 278 1.17 -0.04 -38.04
CA LYS C 278 -0.09 -0.57 -38.57
C LYS C 278 0.20 -1.62 -39.64
N GLN C 279 1.08 -1.29 -40.57
CA GLN C 279 1.35 -2.24 -41.65
C GLN C 279 2.11 -3.47 -41.12
N ALA C 280 2.98 -3.29 -40.14
CA ALA C 280 3.70 -4.46 -39.60
C ALA C 280 2.72 -5.42 -38.92
N ILE C 281 1.74 -4.85 -38.22
CA ILE C 281 0.70 -5.64 -37.55
C ILE C 281 -0.14 -6.40 -38.58
N ILE C 282 -0.57 -5.70 -39.62
CA ILE C 282 -1.36 -6.33 -40.69
C ILE C 282 -0.56 -7.44 -41.37
N ASP C 283 0.70 -7.14 -41.71
CA ASP C 283 1.54 -8.10 -42.44
C ASP C 283 1.84 -9.37 -41.64
N SER C 284 1.73 -9.30 -40.31
CA SER C 284 2.03 -10.45 -39.44
C SER C 284 0.93 -11.53 -39.46
N LYS C 285 -0.27 -11.11 -39.85
CA LYS C 285 -1.45 -11.97 -39.90
C LYS C 285 -1.89 -12.55 -38.54
N ARG C 286 -1.36 -12.00 -37.45
CA ARG C 286 -1.69 -12.48 -36.11
C ARG C 286 -3.01 -11.88 -35.62
N SER C 287 -3.38 -10.75 -36.21
N SER C 287 -3.41 -10.77 -36.23
CA SER C 287 -4.57 -10.03 -35.81
CA SER C 287 -4.59 -10.03 -35.76
C SER C 287 -5.38 -9.64 -37.04
C SER C 287 -5.41 -9.36 -36.89
N GLU C 288 -6.70 -9.65 -36.91
CA GLU C 288 -7.57 -9.21 -37.99
C GLU C 288 -7.99 -7.77 -37.72
N VAL C 289 -7.72 -6.88 -38.66
CA VAL C 289 -8.12 -5.50 -38.54
C VAL C 289 -9.47 -5.29 -39.22
N THR C 290 -10.38 -4.68 -38.47
CA THR C 290 -11.69 -4.30 -38.94
C THR C 290 -11.74 -2.80 -39.20
N TYR C 291 -12.27 -2.44 -40.36
CA TYR C 291 -12.50 -1.06 -40.73
C TYR C 291 -13.99 -0.75 -40.64
N LEU C 292 -14.33 0.30 -39.91
CA LEU C 292 -15.72 0.65 -39.68
C LEU C 292 -16.33 1.37 -40.86
N THR C 293 -17.57 1.03 -41.20
CA THR C 293 -18.29 1.79 -42.21
C THR C 293 -18.68 3.11 -41.59
N PRO C 294 -19.02 4.11 -42.43
CA PRO C 294 -19.45 5.36 -41.81
C PRO C 294 -20.65 5.16 -40.88
N GLU C 295 -21.55 4.23 -41.20
CA GLU C 295 -22.73 4.03 -40.38
C GLU C 295 -22.39 3.30 -39.07
N GLN C 296 -21.39 2.42 -39.12
CA GLN C 296 -20.90 1.81 -37.89
C GLN C 296 -20.20 2.83 -37.03
N ARG C 297 -19.35 3.67 -37.62
CA ARG C 297 -18.72 4.74 -36.85
C ARG C 297 -19.79 5.59 -36.18
N ALA C 298 -20.87 5.93 -36.91
CA ALA C 298 -21.93 6.74 -36.33
C ALA C 298 -22.57 6.08 -35.10
N ALA C 299 -22.71 4.76 -35.13
CA ALA C 299 -23.26 4.03 -33.99
C ALA C 299 -22.40 4.19 -32.74
N TRP C 300 -21.08 4.07 -32.91
CA TRP C 300 -20.18 4.27 -31.78
C TRP C 300 -20.21 5.71 -31.27
N VAL C 301 -20.24 6.65 -32.20
CA VAL C 301 -20.31 8.05 -31.83
C VAL C 301 -21.58 8.31 -31.01
N ASN C 302 -22.71 7.81 -31.47
CA ASN C 302 -23.96 8.09 -30.76
C ASN C 302 -23.99 7.42 -29.39
N ALA C 303 -23.38 6.25 -29.27
CA ALA C 303 -23.31 5.57 -27.99
C ALA C 303 -22.42 6.29 -26.97
N LYS C 305 -20.92 9.58 -27.23
CA LYS C 305 -20.93 11.05 -27.15
C LYS C 305 -21.62 11.59 -25.89
N PRO C 306 -22.61 10.87 -25.35
CA PRO C 306 -23.19 11.25 -24.05
C PRO C 306 -22.20 11.41 -22.89
N VAL C 307 -21.06 10.74 -23.00
CA VAL C 307 -19.97 10.92 -22.05
C VAL C 307 -19.58 12.39 -21.93
N TRP C 308 -19.70 13.16 -23.01
CA TRP C 308 -19.22 14.54 -22.95
C TRP C 308 -20.01 15.37 -21.92
N ALA C 309 -21.32 15.17 -21.89
CA ALA C 309 -22.18 15.98 -21.02
C ALA C 309 -21.82 15.75 -19.56
N GLN C 310 -21.37 14.54 -19.26
CA GLN C 310 -20.98 14.16 -17.91
C GLN C 310 -19.77 14.96 -17.40
N PHE C 311 -18.91 15.40 -18.33
CA PHE C 311 -17.69 16.08 -17.96
C PHE C 311 -17.58 17.54 -18.41
N GLU C 312 -18.55 18.06 -19.16
CA GLU C 312 -18.37 19.38 -19.77
C GLU C 312 -18.20 20.53 -18.75
N ASP C 313 -18.93 20.49 -17.64
CA ASP C 313 -18.83 21.58 -16.66
C ASP C 313 -17.41 21.71 -16.08
N LYS C 314 -16.77 20.59 -15.78
CA LYS C 314 -15.41 20.61 -15.22
C LYS C 314 -14.33 20.87 -16.27
N ILE C 315 -14.51 20.34 -17.48
CA ILE C 315 -13.57 20.60 -18.55
C ILE C 315 -13.66 22.05 -19.03
N GLY C 316 -14.88 22.53 -19.14
CA GLY C 316 -15.16 23.85 -19.68
C GLY C 316 -15.83 23.73 -21.03
N LYS C 317 -17.07 24.18 -21.14
CA LYS C 317 -17.77 24.11 -22.41
C LYS C 317 -17.08 24.91 -23.52
N ASP C 318 -16.52 26.08 -23.18
CA ASP C 318 -15.88 26.92 -24.22
C ASP C 318 -14.62 26.22 -24.75
N LEU C 319 -13.96 25.47 -23.86
CA LEU C 319 -12.76 24.74 -24.23
C LEU C 319 -13.11 23.58 -25.16
N ILE C 320 -14.20 22.89 -24.86
CA ILE C 320 -14.69 21.85 -25.76
C ILE C 320 -15.12 22.44 -27.12
N ASP C 321 -15.76 23.60 -27.10
CA ASP C 321 -16.12 24.30 -28.35
C ASP C 321 -14.89 24.60 -29.20
N ALA C 322 -13.81 25.03 -28.56
CA ALA C 322 -12.55 25.25 -29.26
C ALA C 322 -12.04 23.94 -29.88
N ALA C 323 -11.99 22.86 -29.10
CA ALA C 323 -11.50 21.60 -29.64
C ALA C 323 -12.40 21.09 -30.80
N VAL C 324 -13.70 21.21 -30.66
CA VAL C 324 -14.59 20.82 -31.77
C VAL C 324 -14.24 21.63 -33.04
N ALA C 325 -13.99 22.92 -32.84
CA ALA C 325 -13.66 23.83 -33.94
C ALA C 325 -12.35 23.47 -34.66
N SER C 326 -11.42 22.79 -33.98
CA SER C 326 -10.14 22.41 -34.60
C SER C 326 -10.34 21.45 -35.76
N ASN C 327 -11.52 20.84 -35.84
CA ASN C 327 -11.85 19.99 -36.98
C ASN C 327 -12.24 20.86 -38.16
N GLU C 328 -11.66 20.60 -39.32
CA GLU C 328 -11.75 21.54 -40.44
C GLU C 328 -11.85 20.74 -41.73
N PRO D 25 -45.27 -1.51 -12.46
CA PRO D 25 -43.91 -2.10 -12.34
C PRO D 25 -43.91 -3.43 -11.61
N THR D 26 -42.98 -4.31 -11.94
CA THR D 26 -42.75 -5.54 -11.18
C THR D 26 -42.24 -5.21 -9.78
N GLU D 27 -42.88 -5.79 -8.77
CA GLU D 27 -42.51 -5.54 -7.38
C GLU D 27 -41.42 -6.49 -6.89
N ILE D 28 -40.37 -5.89 -6.36
CA ILE D 28 -39.28 -6.61 -5.70
C ILE D 28 -39.33 -6.24 -4.23
N LYS D 29 -39.40 -7.24 -3.34
CA LYS D 29 -39.48 -6.95 -1.92
C LYS D 29 -38.13 -7.26 -1.26
N PHE D 30 -37.70 -6.36 -0.38
CA PHE D 30 -36.46 -6.50 0.37
C PHE D 30 -36.83 -6.39 1.84
N SER D 31 -36.57 -7.44 2.60
N SER D 31 -36.61 -7.44 2.62
CA SER D 31 -36.93 -7.52 4.02
CA SER D 31 -36.95 -7.40 4.05
C SER D 31 -35.67 -7.57 4.89
C SER D 31 -35.69 -7.56 4.88
N HIS D 32 -35.69 -6.88 6.01
CA HIS D 32 -34.62 -7.02 6.99
C HIS D 32 -35.09 -6.70 8.39
N VAL D 33 -34.21 -6.92 9.38
CA VAL D 33 -34.60 -6.89 10.80
C VAL D 33 -34.07 -5.68 11.56
N VAL D 34 -33.28 -4.82 10.91
CA VAL D 34 -32.73 -3.66 11.59
C VAL D 34 -33.47 -2.32 11.42
N ALA D 35 -33.07 -1.35 12.24
CA ALA D 35 -33.57 0.02 12.12
C ALA D 35 -33.14 0.70 10.82
N GLU D 36 -33.86 1.76 10.44
CA GLU D 36 -33.52 2.41 9.19
C GLU D 36 -32.18 3.16 9.22
N ASN D 37 -31.84 3.74 10.37
CA ASN D 37 -30.63 4.54 10.46
C ASN D 37 -29.43 3.67 10.83
N THR D 38 -29.06 2.78 9.92
CA THR D 38 -28.04 1.76 10.14
C THR D 38 -27.44 1.46 8.78
N PRO D 39 -26.30 0.75 8.75
CA PRO D 39 -25.75 0.42 7.44
C PRO D 39 -26.67 -0.40 6.56
N LYS D 40 -27.33 -1.42 7.10
CA LYS D 40 -28.18 -2.25 6.27
C LYS D 40 -29.44 -1.50 5.90
N GLY D 41 -29.99 -0.73 6.84
CA GLY D 41 -31.15 0.09 6.55
C GLY D 41 -30.90 1.05 5.40
N GLN D 42 -29.75 1.68 5.43
CA GLN D 42 -29.42 2.66 4.40
C GLN D 42 -29.07 2.00 3.05
N ALA D 44 -30.37 -0.72 1.96
CA ALA D 44 -31.63 -1.16 1.36
C ALA D 44 -32.33 0.00 0.67
N LEU D 45 -32.38 1.14 1.35
CA LEU D 45 -33.02 2.32 0.76
C LEU D 45 -32.27 2.88 -0.45
N LYS D 46 -30.95 2.81 -0.43
CA LYS D 46 -30.16 3.23 -1.59
C LYS D 46 -30.44 2.32 -2.78
N PHE D 47 -30.51 1.02 -2.54
CA PHE D 47 -30.80 0.04 -3.59
C PHE D 47 -32.13 0.36 -4.26
N LYS D 48 -33.18 0.55 -3.46
CA LYS D 48 -34.46 0.99 -3.96
C LYS D 48 -34.32 2.26 -4.82
N GLN D 49 -33.60 3.27 -4.30
CA GLN D 49 -33.47 4.53 -5.01
C GLN D 49 -32.85 4.33 -6.39
N LEU D 50 -31.74 3.60 -6.44
CA LEU D 50 -31.04 3.39 -7.70
C LEU D 50 -31.85 2.57 -8.67
N VAL D 51 -32.47 1.50 -8.20
CA VAL D 51 -33.20 0.65 -9.13
C VAL D 51 -34.33 1.44 -9.74
N GLU D 52 -35.04 2.20 -8.92
CA GLU D 52 -36.19 2.95 -9.42
C GLU D 52 -35.77 4.13 -10.33
N GLU D 53 -34.59 4.70 -10.12
CA GLU D 53 -34.03 5.73 -11.03
C GLU D 53 -33.65 5.15 -12.40
N ARG D 54 -33.15 3.93 -12.38
CA ARG D 54 -32.56 3.32 -13.56
C ARG D 54 -33.55 2.51 -14.39
N LEU D 55 -34.58 1.99 -13.73
CA LEU D 55 -35.56 1.17 -14.39
C LEU D 55 -36.94 1.73 -14.02
N PRO D 56 -37.16 3.03 -14.28
CA PRO D 56 -38.38 3.68 -13.84
C PRO D 56 -39.64 3.06 -14.48
N GLY D 57 -40.56 2.60 -13.63
CA GLY D 57 -41.79 2.00 -14.08
C GLY D 57 -41.67 0.54 -14.50
N GLU D 58 -40.46 0.00 -14.45
CA GLU D 58 -40.26 -1.40 -14.79
C GLU D 58 -40.17 -2.25 -13.52
N TYR D 59 -39.47 -1.73 -12.52
CA TYR D 59 -39.31 -2.40 -11.25
C TYR D 59 -39.51 -1.40 -10.11
N GLN D 60 -40.16 -1.88 -9.06
CA GLN D 60 -40.34 -1.13 -7.83
C GLN D 60 -39.75 -1.98 -6.71
N VAL D 61 -38.93 -1.36 -5.86
CA VAL D 61 -38.35 -2.06 -4.71
C VAL D 61 -39.03 -1.57 -3.44
N ASN D 62 -39.74 -2.48 -2.76
CA ASN D 62 -40.40 -2.11 -1.52
C ASN D 62 -39.58 -2.70 -0.38
N VAL D 63 -39.17 -1.82 0.54
CA VAL D 63 -38.26 -2.17 1.65
C VAL D 63 -39.05 -2.23 2.95
N PHE D 64 -38.85 -3.33 3.68
CA PHE D 64 -39.55 -3.61 4.93
C PHE D 64 -38.51 -3.81 6.03
N PRO D 65 -38.26 -2.75 6.80
CA PRO D 65 -37.27 -2.83 7.89
C PRO D 65 -37.89 -3.37 9.17
N ASN D 66 -37.06 -3.54 10.21
CA ASN D 66 -37.56 -3.79 11.55
C ASN D 66 -38.45 -5.04 11.65
N SER D 67 -38.15 -6.03 10.83
CA SER D 67 -38.92 -7.28 10.79
C SER D 67 -40.41 -7.06 10.50
N GLN D 68 -40.72 -5.96 9.80
CA GLN D 68 -42.10 -5.66 9.44
C GLN D 68 -42.74 -6.75 8.58
N LEU D 69 -41.94 -7.38 7.72
CA LEU D 69 -42.48 -8.40 6.83
C LEU D 69 -42.04 -9.78 7.24
N PHE D 70 -40.73 -9.99 7.23
CA PHE D 70 -40.13 -11.22 7.74
C PHE D 70 -39.05 -10.93 8.77
N GLY D 71 -38.89 -11.85 9.72
CA GLY D 71 -37.85 -11.75 10.74
C GLY D 71 -36.77 -12.82 10.64
N ASP D 72 -35.94 -12.92 11.67
CA ASP D 72 -34.82 -13.84 11.61
C ASP D 72 -35.25 -15.27 11.27
N ASN D 73 -36.34 -15.73 11.88
CA ASN D 73 -36.63 -17.14 11.84
C ASN D 73 -37.27 -17.59 10.53
N ASN D 74 -37.94 -16.66 9.83
CA ASN D 74 -38.65 -17.06 8.61
C ASN D 74 -38.16 -16.44 7.32
N GLU D 75 -37.14 -15.57 7.38
CA GLU D 75 -36.79 -14.85 6.17
C GLU D 75 -36.20 -15.70 5.04
N LEU D 76 -35.42 -16.72 5.38
CA LEU D 76 -34.80 -17.51 4.32
C LEU D 76 -35.80 -18.46 3.70
N SER D 77 -36.70 -19.02 4.49
N SER D 77 -36.73 -18.99 4.49
CA SER D 77 -37.79 -19.82 3.91
CA SER D 77 -37.81 -19.82 3.94
C SER D 77 -38.59 -18.96 2.93
C SER D 77 -38.69 -19.00 2.99
N ALA D 78 -38.94 -17.76 3.35
CA ALA D 78 -39.73 -16.86 2.52
C ALA D 78 -39.01 -16.57 1.21
N LEU D 79 -37.69 -16.39 1.30
CA LEU D 79 -36.88 -16.15 0.10
C LEU D 79 -36.98 -17.29 -0.92
N LEU D 80 -36.84 -18.53 -0.43
CA LEU D 80 -36.86 -19.69 -1.28
C LEU D 80 -38.25 -19.96 -1.86
N LEU D 81 -39.30 -19.50 -1.17
CA LEU D 81 -40.66 -19.58 -1.69
C LEU D 81 -41.02 -18.39 -2.58
N ASN D 82 -40.07 -17.47 -2.73
CA ASN D 82 -40.24 -16.24 -3.49
C ASN D 82 -41.34 -15.31 -2.95
N ASP D 83 -41.52 -15.35 -1.65
CA ASP D 83 -42.37 -14.37 -0.94
C ASP D 83 -41.63 -13.05 -0.68
N VAL D 84 -40.30 -13.11 -0.78
CA VAL D 84 -39.43 -11.95 -0.71
C VAL D 84 -38.28 -12.25 -1.68
N GLN D 85 -37.68 -11.21 -2.23
CA GLN D 85 -36.71 -11.38 -3.31
C GLN D 85 -35.28 -11.08 -2.88
N PHE D 86 -35.11 -10.25 -1.84
CA PHE D 86 -33.79 -9.97 -1.28
C PHE D 86 -33.88 -9.95 0.22
N VAL D 87 -32.89 -10.57 0.87
CA VAL D 87 -32.69 -10.46 2.32
C VAL D 87 -31.18 -10.31 2.52
N ALA D 88 -30.75 -9.93 3.72
CA ALA D 88 -29.34 -9.75 4.00
C ALA D 88 -29.07 -10.18 5.44
N PRO D 89 -29.21 -11.48 5.72
CA PRO D 89 -28.93 -11.96 7.07
C PRO D 89 -27.47 -11.89 7.47
N SER D 90 -27.25 -11.74 8.76
CA SER D 90 -25.93 -11.96 9.33
C SER D 90 -25.36 -13.30 8.82
N LEU D 91 -24.05 -13.31 8.55
CA LEU D 91 -23.35 -14.50 8.14
C LEU D 91 -23.49 -15.63 9.17
N SER D 92 -23.88 -15.29 10.39
CA SER D 92 -24.15 -16.28 11.44
C SER D 92 -25.37 -17.15 11.21
N LYS D 93 -26.25 -16.75 10.30
CA LYS D 93 -27.60 -17.27 10.29
C LYS D 93 -27.89 -18.24 9.13
N PHE D 94 -26.84 -18.88 8.62
CA PHE D 94 -26.93 -19.71 7.42
C PHE D 94 -26.68 -21.21 7.63
N GLU D 95 -26.60 -21.67 8.86
CA GLU D 95 -26.29 -23.10 9.14
C GLU D 95 -27.20 -24.10 8.43
N ARG D 96 -28.44 -23.73 8.20
CA ARG D 96 -29.34 -24.69 7.57
C ARG D 96 -29.02 -24.85 6.09
N TYR D 97 -28.13 -24.01 5.55
CA TYR D 97 -27.83 -24.04 4.11
C TYR D 97 -26.37 -24.36 3.79
N THR D 98 -25.47 -24.04 4.71
CA THR D 98 -24.06 -24.39 4.57
C THR D 98 -23.44 -24.39 5.95
N LYS D 99 -22.37 -25.15 6.15
CA LYS D 99 -21.60 -25.12 7.39
C LYS D 99 -20.38 -24.22 7.26
N LYS D 100 -20.15 -23.66 6.08
CA LYS D 100 -18.93 -22.89 5.84
C LYS D 100 -18.96 -21.46 6.40
N LEU D 101 -20.12 -20.83 6.40
CA LEU D 101 -20.17 -19.42 6.79
C LEU D 101 -20.05 -19.26 8.31
N GLN D 102 -20.12 -20.37 9.05
CA GLN D 102 -19.83 -20.43 10.48
C GLN D 102 -18.44 -19.87 10.80
N LEU D 103 -17.56 -19.97 9.82
CA LEU D 103 -16.27 -19.29 9.85
C LEU D 103 -16.35 -17.93 10.49
N PHE D 104 -17.32 -17.13 10.07
CA PHE D 104 -17.37 -15.74 10.48
C PHE D 104 -17.78 -15.55 11.92
N ASP D 105 -18.26 -16.60 12.58
CA ASP D 105 -18.60 -16.55 13.99
C ASP D 105 -17.43 -16.93 14.90
N LEU D 106 -16.34 -17.45 14.35
CA LEU D 106 -15.26 -17.91 15.22
C LEU D 106 -14.68 -16.75 16.02
N PRO D 107 -14.57 -16.92 17.31
CA PRO D 107 -14.12 -15.80 18.14
C PRO D 107 -12.66 -15.43 17.90
N PHE D 108 -12.43 -14.14 17.78
CA PHE D 108 -11.09 -13.59 17.54
C PHE D 108 -10.39 -14.09 16.27
N LEU D 109 -11.15 -14.54 15.26
CA LEU D 109 -10.57 -14.95 13.98
C LEU D 109 -9.93 -13.76 13.23
N PHE D 110 -10.68 -12.67 13.13
CA PHE D 110 -10.24 -11.47 12.45
C PHE D 110 -9.89 -10.38 13.45
N LYS D 111 -8.76 -9.72 13.31
CA LYS D 111 -8.35 -8.70 14.24
C LYS D 111 -9.29 -7.49 14.15
N ASP D 112 -9.67 -7.16 12.93
CA ASP D 112 -10.35 -5.91 12.64
C ASP D 112 -11.02 -6.00 11.27
N ASP D 114 -10.48 -4.35 8.52
CA ASP D 114 -9.59 -4.44 7.38
C ASP D 114 -9.32 -5.91 7.04
N ALA D 115 -9.08 -6.76 8.04
CA ALA D 115 -8.84 -8.20 7.76
C ALA D 115 -10.10 -8.85 7.20
N VAL D 116 -11.24 -8.49 7.77
CA VAL D 116 -12.51 -9.06 7.33
C VAL D 116 -12.69 -8.76 5.86
N ASN D 117 -12.47 -7.51 5.50
CA ASN D 117 -12.63 -7.12 4.10
C ASN D 117 -11.67 -7.82 3.15
N ARG D 118 -10.41 -7.92 3.54
CA ARG D 118 -9.42 -8.63 2.75
C ARG D 118 -9.87 -10.05 2.50
N PHE D 119 -10.33 -10.71 3.55
CA PHE D 119 -10.83 -12.08 3.37
C PHE D 119 -12.03 -12.15 2.41
N GLN D 120 -13.01 -11.29 2.65
CA GLN D 120 -14.25 -11.31 1.87
C GLN D 120 -14.00 -11.10 0.39
N GLN D 121 -13.10 -10.18 0.09
CA GLN D 121 -12.83 -9.80 -1.29
C GLN D 121 -11.84 -10.70 -2.02
N SER D 122 -11.16 -11.59 -1.28
CA SER D 122 -10.23 -12.55 -1.88
C SER D 122 -11.04 -13.67 -2.57
N ASP D 123 -10.36 -14.50 -3.36
CA ASP D 123 -11.07 -15.62 -3.99
C ASP D 123 -11.76 -16.53 -2.98
N ALA D 124 -11.08 -16.81 -1.87
CA ALA D 124 -11.66 -17.68 -0.84
C ALA D 124 -12.96 -17.10 -0.30
N GLY D 125 -12.96 -15.79 -0.07
CA GLY D 125 -14.16 -15.13 0.44
C GLY D 125 -15.24 -15.05 -0.62
N GLN D 126 -14.87 -14.72 -1.86
CA GLN D 126 -15.87 -14.59 -2.92
C GLN D 126 -16.51 -15.94 -3.26
N GLN D 127 -15.75 -17.02 -3.13
CA GLN D 127 -16.29 -18.34 -3.41
C GLN D 127 -17.42 -18.69 -2.45
N LEU D 128 -17.39 -18.14 -1.24
CA LEU D 128 -18.43 -18.45 -0.26
C LEU D 128 -19.77 -17.81 -0.66
N LEU D 129 -19.77 -16.83 -1.55
CA LEU D 129 -21.04 -16.29 -2.09
C LEU D 129 -21.82 -17.36 -2.82
N ASN D 130 -21.10 -18.41 -3.27
CA ASN D 130 -21.70 -19.55 -3.97
C ASN D 130 -21.94 -20.79 -3.12
N SER D 131 -21.67 -20.71 -1.81
CA SER D 131 -21.67 -21.88 -0.95
C SER D 131 -23.05 -22.52 -0.79
N LYS D 133 -25.63 -22.21 -3.36
CA LYS D 133 -26.31 -22.33 -4.64
C LYS D 133 -27.01 -23.67 -4.81
N ARG D 134 -26.39 -24.73 -4.29
CA ARG D 134 -26.92 -26.09 -4.43
C ARG D 134 -28.21 -26.24 -3.62
N LYS D 135 -28.42 -25.35 -2.68
CA LYS D 135 -29.65 -25.33 -1.88
C LYS D 135 -30.59 -24.16 -2.22
N GLY D 136 -30.30 -23.49 -3.34
CA GLY D 136 -31.22 -22.54 -3.91
C GLY D 136 -30.98 -21.07 -3.60
N VAL D 137 -29.89 -20.81 -2.89
CA VAL D 137 -29.58 -19.47 -2.43
C VAL D 137 -28.39 -18.90 -3.22
N VAL D 138 -28.60 -17.73 -3.83
CA VAL D 138 -27.57 -17.01 -4.59
C VAL D 138 -26.99 -15.90 -3.74
N GLY D 139 -25.68 -15.95 -3.46
CA GLY D 139 -25.04 -14.87 -2.73
C GLY D 139 -24.61 -13.76 -3.66
N LEU D 140 -24.97 -12.52 -3.33
CA LEU D 140 -24.76 -11.39 -4.24
C LEU D 140 -23.66 -10.44 -3.79
N GLY D 141 -23.41 -10.40 -2.48
CA GLY D 141 -22.33 -9.59 -1.95
C GLY D 141 -22.29 -9.58 -0.44
N TYR D 142 -21.12 -9.23 0.09
CA TYR D 142 -20.99 -8.98 1.51
C TYR D 142 -21.31 -7.52 1.84
N LEU D 143 -21.97 -7.30 2.96
CA LEU D 143 -22.18 -5.95 3.47
C LEU D 143 -21.69 -5.87 4.90
N HIS D 144 -20.96 -4.81 5.23
CA HIS D 144 -20.40 -4.67 6.57
C HIS D 144 -21.36 -4.13 7.59
N ASN D 145 -21.21 -4.57 8.84
CA ASN D 145 -21.70 -3.82 9.96
C ASN D 145 -20.50 -3.41 10.81
N GLY D 146 -19.91 -4.34 11.54
CA GLY D 146 -18.72 -4.02 12.28
C GLY D 146 -18.34 -5.13 13.26
N LYS D 148 -18.15 -6.96 16.94
CA LYS D 148 -19.07 -7.16 18.06
C LYS D 148 -18.42 -6.79 19.36
N GLN D 149 -19.24 -6.24 20.26
CA GLN D 149 -18.84 -5.90 21.64
C GLN D 149 -19.77 -6.63 22.62
N PHE D 150 -19.24 -7.02 23.77
CA PHE D 150 -20.10 -7.56 24.81
C PHE D 150 -20.83 -6.48 25.58
N SER D 151 -22.03 -6.81 26.05
CA SER D 151 -22.66 -6.00 27.07
C SER D 151 -23.37 -6.87 28.10
N ALA D 152 -23.60 -6.30 29.28
CA ALA D 152 -24.31 -6.99 30.32
C ALA D 152 -24.74 -5.98 31.36
N SER D 153 -25.45 -6.44 32.38
CA SER D 153 -25.83 -5.60 33.50
C SER D 153 -24.75 -5.62 34.58
N SER D 154 -23.58 -6.13 34.25
CA SER D 154 -22.43 -6.11 35.15
C SER D 154 -21.16 -6.08 34.29
N PRO D 155 -20.02 -5.66 34.88
CA PRO D 155 -18.77 -5.51 34.12
C PRO D 155 -18.23 -6.84 33.60
N LEU D 156 -17.76 -6.83 32.36
CA LEU D 156 -17.13 -8.00 31.76
C LEU D 156 -15.68 -7.68 31.43
N VAL D 157 -14.78 -7.99 32.37
CA VAL D 157 -13.36 -7.66 32.21
C VAL D 157 -12.57 -8.93 31.90
N LEU D 158 -12.79 -9.96 32.70
CA LEU D 158 -12.17 -11.27 32.48
C LEU D 158 -13.26 -12.29 32.21
N PRO D 159 -12.91 -13.40 31.54
CA PRO D 159 -13.96 -14.38 31.23
C PRO D 159 -14.73 -14.87 32.46
N GLU D 160 -14.08 -14.93 33.63
CA GLU D 160 -14.77 -15.37 34.84
C GLU D 160 -16.04 -14.54 35.10
N ASP D 161 -16.04 -13.30 34.63
CA ASP D 161 -17.13 -12.37 34.87
C ASP D 161 -18.41 -12.79 34.14
N ALA D 162 -18.28 -13.62 33.10
CA ALA D 162 -19.41 -14.12 32.33
C ALA D 162 -20.09 -15.32 32.97
N GLN D 163 -19.44 -15.95 33.95
CA GLN D 163 -19.97 -17.18 34.55
C GLN D 163 -21.43 -17.05 35.01
N GLY D 164 -22.26 -17.98 34.53
CA GLY D 164 -23.63 -18.08 34.99
C GLY D 164 -24.60 -17.08 34.38
N LYS D 165 -24.11 -16.19 33.52
CA LYS D 165 -24.92 -15.13 32.93
C LYS D 165 -25.57 -15.64 31.65
N LYS D 166 -26.78 -15.18 31.42
CA LYS D 166 -27.52 -15.51 30.19
C LYS D 166 -27.29 -14.44 29.13
N PHE D 167 -26.82 -14.85 27.95
CA PHE D 167 -26.56 -13.95 26.84
C PHE D 167 -27.46 -14.38 25.67
N ARG D 168 -28.21 -13.43 25.12
CA ARG D 168 -28.87 -13.70 23.86
C ARG D 168 -27.81 -13.87 22.81
N ILE D 169 -28.02 -14.80 21.91
CA ILE D 169 -27.24 -14.90 20.69
C ILE D 169 -28.12 -15.01 19.47
N ALA D 171 -28.98 -17.07 16.08
CA ALA D 171 -29.17 -18.50 16.00
C ALA D 171 -27.95 -19.18 15.37
N SER D 172 -26.93 -19.44 16.20
CA SER D 172 -25.65 -19.99 15.73
C SER D 172 -25.07 -20.94 16.78
N ASP D 173 -24.74 -22.15 16.34
CA ASP D 173 -24.08 -23.14 17.21
C ASP D 173 -22.66 -22.69 17.62
N VAL D 174 -21.97 -21.96 16.75
CA VAL D 174 -20.65 -21.46 17.11
C VAL D 174 -20.79 -20.46 18.25
N LEU D 175 -21.73 -19.54 18.12
CA LEU D 175 -21.91 -18.52 19.15
C LEU D 175 -22.37 -19.16 20.47
N ALA D 176 -23.16 -20.22 20.39
CA ALA D 176 -23.50 -20.93 21.63
C ALA D 176 -22.23 -21.50 22.29
N ALA D 177 -21.37 -22.11 21.49
CA ALA D 177 -20.15 -22.70 21.98
C ALA D 177 -19.25 -21.62 22.59
N GLN D 178 -19.27 -20.44 21.97
CA GLN D 178 -18.50 -19.28 22.43
C GLN D 178 -18.86 -18.89 23.86
N PHE D 179 -20.15 -18.82 24.16
CA PHE D 179 -20.56 -18.47 25.52
C PHE D 179 -20.43 -19.64 26.49
N GLN D 180 -20.62 -20.87 26.03
CA GLN D 180 -20.40 -22.02 26.91
C GLN D 180 -18.94 -22.10 27.36
N ALA D 181 -18.03 -21.68 26.48
CA ALA D 181 -16.60 -21.74 26.77
C ALA D 181 -16.23 -20.85 27.96
N VAL D 182 -17.05 -19.86 28.27
CA VAL D 182 -16.79 -18.96 29.42
C VAL D 182 -17.84 -19.17 30.52
N GLU D 183 -18.45 -20.35 30.50
CA GLU D 183 -19.38 -20.82 31.53
C GLU D 183 -20.64 -19.97 31.64
N ALA D 184 -21.03 -19.39 30.51
CA ALA D 184 -22.22 -18.57 30.38
C ALA D 184 -23.29 -19.38 29.64
N ILE D 185 -24.49 -18.82 29.57
CA ILE D 185 -25.65 -19.51 29.06
C ILE D 185 -26.17 -18.83 27.82
N PRO D 186 -25.91 -19.42 26.65
CA PRO D 186 -26.43 -18.79 25.43
C PRO D 186 -27.90 -19.10 25.21
N VAL D 187 -28.63 -18.09 24.74
N VAL D 187 -28.65 -18.09 24.75
CA VAL D 187 -30.05 -18.19 24.47
CA VAL D 187 -30.07 -18.29 24.45
C VAL D 187 -30.30 -17.66 23.06
C VAL D 187 -30.39 -17.67 23.10
N LYS D 188 -30.67 -18.54 22.13
CA LYS D 188 -30.95 -18.12 20.75
C LYS D 188 -32.33 -17.48 20.67
N LYS D 189 -32.35 -16.21 20.22
CA LYS D 189 -33.58 -15.45 20.05
C LYS D 189 -33.46 -14.54 18.85
N PRO D 190 -34.59 -14.26 18.20
CA PRO D 190 -34.56 -13.35 17.05
C PRO D 190 -34.26 -11.92 17.47
N PHE D 191 -33.64 -11.18 16.57
CA PHE D 191 -33.21 -9.82 16.85
C PHE D 191 -34.33 -8.91 17.38
N SER D 192 -35.51 -9.08 16.83
CA SER D 192 -36.63 -8.21 17.21
C SER D 192 -36.95 -8.27 18.71
N GLU D 193 -36.53 -9.34 19.39
CA GLU D 193 -36.88 -9.57 20.80
C GLU D 193 -35.83 -9.07 21.79
N VAL D 194 -34.66 -8.68 21.30
CA VAL D 194 -33.51 -8.47 22.19
C VAL D 194 -33.73 -7.36 23.23
N PHE D 195 -34.19 -6.19 22.78
CA PHE D 195 -34.45 -5.10 23.72
C PHE D 195 -35.43 -5.55 24.81
N THR D 196 -36.53 -6.18 24.42
CA THR D 196 -37.52 -6.63 25.39
C THR D 196 -36.91 -7.60 26.41
N LEU D 197 -36.13 -8.56 25.93
CA LEU D 197 -35.50 -9.56 26.79
C LEU D 197 -34.52 -8.93 27.78
N LEU D 198 -33.81 -7.91 27.34
CA LEU D 198 -32.90 -7.22 28.24
C LEU D 198 -33.66 -6.36 29.25
N GLN D 199 -34.67 -5.63 28.77
CA GLN D 199 -35.47 -4.75 29.62
C GLN D 199 -36.13 -5.53 30.76
N THR D 200 -36.67 -6.71 30.44
CA THR D 200 -37.36 -7.53 31.43
C THR D 200 -36.40 -8.40 32.25
N ARG D 201 -35.14 -8.33 31.91
CA ARG D 201 -34.10 -9.08 32.60
C ARG D 201 -34.22 -10.59 32.42
N ALA D 202 -34.90 -11.01 31.36
CA ALA D 202 -34.94 -12.41 31.02
C ALA D 202 -33.57 -12.90 30.58
N ILE D 203 -32.79 -11.98 30.02
CA ILE D 203 -31.39 -12.25 29.67
C ILE D 203 -30.50 -11.17 30.30
N ASP D 204 -29.27 -11.51 30.64
CA ASP D 204 -28.38 -10.58 31.31
C ASP D 204 -27.58 -9.71 30.37
N GLY D 205 -27.25 -10.27 29.22
CA GLY D 205 -26.32 -9.64 28.30
C GLY D 205 -26.50 -10.07 26.86
N GLN D 206 -25.68 -9.50 25.99
CA GLN D 206 -25.71 -9.82 24.57
C GLN D 206 -24.41 -9.37 23.93
N GLU D 207 -24.29 -9.55 22.61
CA GLU D 207 -23.13 -9.04 21.86
C GLU D 207 -23.65 -8.43 20.60
N ASN D 208 -23.10 -7.28 20.25
CA ASN D 208 -23.45 -6.68 18.97
C ASN D 208 -22.56 -5.50 18.63
N THR D 209 -22.80 -4.92 17.48
CA THR D 209 -22.03 -3.78 16.98
C THR D 209 -22.50 -2.50 17.64
N TRP D 210 -21.64 -1.48 17.65
CA TRP D 210 -22.07 -0.20 18.17
C TRP D 210 -23.34 0.26 17.51
N SER D 211 -23.43 0.07 16.18
CA SER D 211 -24.60 0.49 15.40
C SER D 211 -25.90 -0.13 15.93
N ASN D 212 -25.91 -1.43 16.18
CA ASN D 212 -27.11 -2.03 16.75
C ASN D 212 -27.34 -1.67 18.22
N ILE D 213 -26.27 -1.62 19.02
CA ILE D 213 -26.42 -1.31 20.44
C ILE D 213 -27.07 0.06 20.56
N TYR D 214 -26.67 0.99 19.69
CA TYR D 214 -27.21 2.34 19.72
C TYR D 214 -28.61 2.43 19.10
N SER D 215 -28.76 1.91 17.89
CA SER D 215 -30.00 2.11 17.17
C SER D 215 -31.20 1.38 17.80
N LYS D 216 -30.94 0.27 18.48
CA LYS D 216 -31.98 -0.47 19.18
C LYS D 216 -32.01 -0.19 20.68
N LYS D 217 -31.19 0.76 21.12
CA LYS D 217 -31.20 1.22 22.50
C LYS D 217 -30.88 0.16 23.54
N PHE D 218 -30.09 -0.85 23.15
CA PHE D 218 -29.61 -1.81 24.12
C PHE D 218 -28.81 -1.11 25.25
N TYR D 219 -28.11 -0.02 24.93
CA TYR D 219 -27.29 0.65 25.94
C TYR D 219 -28.18 1.22 27.06
N GLU D 220 -29.46 1.45 26.77
CA GLU D 220 -30.35 1.98 27.81
C GLU D 220 -30.77 0.93 28.84
N VAL D 221 -30.57 -0.35 28.52
CA VAL D 221 -30.90 -1.46 29.41
C VAL D 221 -29.71 -2.38 29.68
N GLN D 222 -28.50 -1.84 29.45
CA GLN D 222 -27.24 -2.52 29.75
C GLN D 222 -26.26 -1.54 30.39
N SER D 223 -25.98 -1.75 31.68
CA SER D 223 -25.13 -0.85 32.45
C SER D 223 -23.65 -0.89 32.05
N ASN D 224 -23.24 -1.96 31.36
CA ASN D 224 -21.85 -2.19 31.04
C ASN D 224 -21.65 -2.73 29.64
N ILE D 225 -20.69 -2.13 28.93
CA ILE D 225 -20.28 -2.59 27.63
C ILE D 225 -18.78 -2.78 27.66
N THR D 226 -18.27 -3.86 27.05
CA THR D 226 -16.84 -4.04 26.90
C THR D 226 -16.52 -3.97 25.43
N GLU D 227 -15.57 -3.12 25.07
CA GLU D 227 -15.10 -3.07 23.69
C GLU D 227 -14.13 -4.26 23.51
N SER D 228 -14.70 -5.40 23.21
CA SER D 228 -13.97 -6.69 23.13
C SER D 228 -13.55 -7.00 21.69
N ASN D 229 -14.25 -6.42 20.71
CA ASN D 229 -13.96 -6.68 19.31
C ASN D 229 -13.71 -8.17 19.03
N HIS D 230 -14.57 -9.03 19.59
CA HIS D 230 -14.27 -10.45 19.71
C HIS D 230 -14.83 -11.29 18.54
N GLY D 231 -15.59 -10.65 17.66
CA GLY D 231 -16.08 -11.33 16.47
C GLY D 231 -16.59 -10.26 15.53
N VAL D 232 -16.89 -10.68 14.30
CA VAL D 232 -17.46 -9.78 13.29
C VAL D 232 -18.94 -10.07 13.07
N LEU D 233 -19.69 -8.99 12.91
CA LEU D 233 -21.07 -9.08 12.47
C LEU D 233 -21.18 -8.39 11.11
N ASP D 234 -21.24 -9.21 10.07
CA ASP D 234 -21.39 -8.77 8.69
C ASP D 234 -22.55 -9.59 8.08
N TYR D 235 -22.92 -9.18 6.89
CA TYR D 235 -24.05 -9.75 6.19
C TYR D 235 -23.66 -10.33 4.85
N VAL D 237 -25.82 -10.34 1.33
CA VAL D 237 -27.05 -10.04 0.62
C VAL D 237 -27.32 -11.20 -0.31
N VAL D 238 -28.50 -11.81 -0.21
CA VAL D 238 -28.82 -13.00 -0.99
C VAL D 238 -30.17 -12.89 -1.68
N THR D 239 -30.32 -13.66 -2.75
CA THR D 239 -31.61 -13.89 -3.39
C THR D 239 -31.77 -15.38 -3.65
N SER D 240 -32.92 -15.76 -4.21
CA SER D 240 -33.11 -17.12 -4.62
C SER D 240 -32.68 -17.32 -6.06
N ASN D 241 -32.28 -18.54 -6.38
CA ASN D 241 -32.06 -18.89 -7.76
C ASN D 241 -33.30 -18.68 -8.59
N THR D 242 -34.45 -19.07 -8.05
N THR D 242 -34.44 -19.07 -8.03
CA THR D 242 -35.68 -18.98 -8.82
CA THR D 242 -35.70 -18.94 -8.76
C THR D 242 -35.99 -17.53 -9.23
C THR D 242 -35.86 -17.51 -9.26
N PHE D 243 -35.81 -16.55 -8.34
CA PHE D 243 -36.00 -15.14 -8.72
C PHE D 243 -34.87 -14.64 -9.65
N TRP D 244 -33.63 -14.89 -9.28
CA TRP D 244 -32.51 -14.34 -10.03
C TRP D 244 -32.53 -14.84 -11.50
N LYS D 245 -32.83 -16.12 -11.69
CA LYS D 245 -32.92 -16.69 -13.04
C LYS D 245 -34.12 -16.15 -13.84
N SER D 246 -35.11 -15.62 -13.13
CA SER D 246 -36.36 -15.18 -13.77
C SER D 246 -36.20 -13.82 -14.48
N LEU D 247 -35.20 -13.07 -14.06
CA LEU D 247 -34.94 -11.75 -14.63
C LEU D 247 -34.31 -11.84 -16.00
N PRO D 248 -34.74 -10.95 -16.92
CA PRO D 248 -34.00 -10.82 -18.17
C PRO D 248 -32.58 -10.37 -17.88
N ALA D 249 -31.61 -10.85 -18.65
CA ALA D 249 -30.21 -10.59 -18.34
C ALA D 249 -29.85 -9.11 -18.27
N ASP D 250 -30.40 -8.28 -19.16
CA ASP D 250 -30.05 -6.86 -19.13
C ASP D 250 -30.59 -6.16 -17.89
N LYS D 251 -31.79 -6.55 -17.44
CA LYS D 251 -32.37 -5.98 -16.24
C LYS D 251 -31.61 -6.49 -15.01
N ARG D 252 -31.26 -7.77 -15.04
CA ARG D 252 -30.48 -8.35 -13.95
C ARG D 252 -29.18 -7.58 -13.77
N LYS D 253 -28.54 -7.20 -14.88
CA LYS D 253 -27.25 -6.53 -14.76
C LYS D 253 -27.40 -5.15 -14.11
N VAL D 254 -28.45 -4.41 -14.44
CA VAL D 254 -28.68 -3.10 -13.85
C VAL D 254 -29.01 -3.23 -12.34
N ILE D 255 -29.83 -4.22 -12.00
CA ILE D 255 -30.20 -4.48 -10.63
C ILE D 255 -28.95 -4.86 -9.82
N LYS D 256 -28.13 -5.75 -10.36
CA LYS D 256 -26.93 -6.14 -9.70
C LYS D 256 -25.96 -4.95 -9.51
N ALA D 257 -25.83 -4.12 -10.53
CA ALA D 257 -24.94 -2.94 -10.44
C ALA D 257 -25.48 -2.00 -9.36
N SER D 258 -26.79 -1.83 -9.32
CA SER D 258 -27.44 -1.02 -8.28
C SER D 258 -27.18 -1.56 -6.88
N LEU D 259 -27.28 -2.87 -6.73
CA LEU D 259 -27.01 -3.50 -5.45
C LEU D 259 -25.54 -3.30 -5.06
N ASP D 260 -24.60 -3.50 -5.99
CA ASP D 260 -23.19 -3.31 -5.65
C ASP D 260 -22.93 -1.87 -5.18
N GLU D 261 -23.55 -0.90 -5.86
CA GLU D 261 -23.36 0.50 -5.47
C GLU D 261 -23.95 0.75 -4.10
N ALA D 262 -25.13 0.17 -3.88
CA ALA D 262 -25.82 0.29 -2.62
C ALA D 262 -24.99 -0.30 -1.46
N ILE D 263 -24.32 -1.41 -1.73
CA ILE D 263 -23.45 -2.06 -0.73
C ILE D 263 -22.27 -1.13 -0.40
N ALA D 264 -21.66 -0.55 -1.43
CA ALA D 264 -20.54 0.38 -1.22
C ALA D 264 -20.98 1.54 -0.34
N TYR D 265 -22.16 2.07 -0.63
CA TYR D 265 -22.77 3.11 0.19
C TYR D 265 -22.99 2.68 1.64
N GLY D 266 -23.60 1.51 1.83
CA GLY D 266 -23.78 0.93 3.15
C GLY D 266 -22.49 0.72 3.91
N ASN D 267 -21.45 0.32 3.22
CA ASN D 267 -20.14 0.08 3.87
C ASN D 267 -19.56 1.37 4.41
N GLU D 268 -19.76 2.47 3.70
CA GLU D 268 -19.27 3.77 4.15
C GLU D 268 -20.09 4.19 5.37
N ILE D 269 -21.40 3.91 5.36
CA ILE D 269 -22.23 4.20 6.51
C ILE D 269 -21.76 3.37 7.72
N ALA D 270 -21.47 2.11 7.48
CA ALA D 270 -21.08 1.21 8.57
C ALA D 270 -19.81 1.72 9.24
N ALA D 271 -18.83 2.12 8.46
CA ALA D 271 -17.57 2.57 9.02
C ALA D 271 -17.77 3.84 9.85
N ALA D 272 -18.64 4.74 9.42
CA ALA D 272 -18.90 5.96 10.20
C ALA D 272 -19.65 5.66 11.46
N LYS D 273 -20.63 4.78 11.36
CA LYS D 273 -21.47 4.48 12.52
C LYS D 273 -20.67 3.92 13.68
N VAL D 274 -19.61 3.19 13.40
CA VAL D 274 -18.76 2.63 14.46
C VAL D 274 -18.44 3.73 15.51
N ASN D 275 -17.90 4.86 15.07
CA ASN D 275 -17.55 5.92 16.03
C ASN D 275 -18.68 6.87 16.34
N LYS D 276 -19.54 7.12 15.37
CA LYS D 276 -20.68 8.00 15.66
C LYS D 276 -21.53 7.43 16.79
N ASP D 277 -21.81 6.13 16.72
CA ASP D 277 -22.69 5.50 17.70
C ASP D 277 -21.97 5.14 19.00
N LYS D 278 -20.70 4.78 18.90
CA LYS D 278 -19.89 4.61 20.12
C LYS D 278 -19.88 5.93 20.87
N GLN D 279 -19.62 7.04 20.16
CA GLN D 279 -19.60 8.34 20.81
C GLN D 279 -20.95 8.66 21.45
N ALA D 280 -22.04 8.34 20.77
CA ALA D 280 -23.35 8.72 21.30
C ALA D 280 -23.65 7.90 22.57
N ILE D 281 -23.28 6.64 22.54
CA ILE D 281 -23.47 5.77 23.71
C ILE D 281 -22.65 6.31 24.89
N ILE D 282 -21.38 6.64 24.66
CA ILE D 282 -20.55 7.16 25.74
C ILE D 282 -21.11 8.49 26.26
N ASP D 283 -21.58 9.34 25.35
CA ASP D 283 -22.08 10.66 25.72
C ASP D 283 -23.28 10.57 26.65
N SER D 284 -24.09 9.52 26.48
CA SER D 284 -25.33 9.35 27.25
C SER D 284 -25.08 9.11 28.73
N LYS D 285 -23.89 8.62 29.05
CA LYS D 285 -23.53 8.23 30.42
C LYS D 285 -24.43 7.12 30.99
N ARG D 286 -25.14 6.41 30.13
CA ARG D 286 -26.01 5.33 30.60
C ARG D 286 -25.30 3.97 30.71
N SER D 287 -24.17 3.83 30.02
N SER D 287 -24.13 3.85 30.11
CA SER D 287 -23.40 2.59 29.99
CA SER D 287 -23.44 2.56 30.08
C SER D 287 -21.93 2.89 30.26
C SER D 287 -21.92 2.73 30.12
N GLU D 288 -21.31 2.09 31.11
CA GLU D 288 -19.86 2.19 31.29
C GLU D 288 -19.15 1.36 30.25
N VAL D 289 -18.32 2.00 29.45
CA VAL D 289 -17.53 1.28 28.45
C VAL D 289 -16.15 0.91 29.00
N THR D 290 -15.90 -0.40 29.06
CA THR D 290 -14.62 -0.97 29.49
C THR D 290 -13.75 -1.35 28.31
N TYR D 291 -12.47 -0.96 28.38
CA TYR D 291 -11.49 -1.39 27.39
C TYR D 291 -10.58 -2.47 28.01
N LEU D 292 -10.22 -3.46 27.20
CA LEU D 292 -9.41 -4.58 27.68
C LEU D 292 -7.91 -4.34 27.51
N THR D 293 -7.16 -4.62 28.56
CA THR D 293 -5.71 -4.56 28.44
C THR D 293 -5.29 -5.73 27.58
N PRO D 294 -4.08 -5.70 27.05
CA PRO D 294 -3.66 -6.85 26.26
C PRO D 294 -3.74 -8.19 27.04
N GLU D 295 -3.39 -8.17 28.32
CA GLU D 295 -3.44 -9.36 29.18
C GLU D 295 -4.89 -9.84 29.34
N GLN D 296 -5.82 -8.92 29.53
CA GLN D 296 -7.24 -9.29 29.63
C GLN D 296 -7.75 -9.88 28.32
N ARG D 297 -7.40 -9.27 27.18
CA ARG D 297 -7.84 -9.77 25.88
C ARG D 297 -7.34 -11.19 25.69
N ALA D 298 -6.07 -11.41 26.00
CA ALA D 298 -5.46 -12.73 25.84
C ALA D 298 -6.20 -13.76 26.66
N ALA D 299 -6.73 -13.39 27.83
CA ALA D 299 -7.51 -14.32 28.65
C ALA D 299 -8.80 -14.77 27.94
N TRP D 300 -9.44 -13.82 27.25
CA TRP D 300 -10.67 -14.12 26.53
C TRP D 300 -10.34 -14.96 25.31
N VAL D 301 -9.28 -14.60 24.62
CA VAL D 301 -8.79 -15.40 23.49
C VAL D 301 -8.50 -16.85 23.89
N ASN D 302 -7.80 -17.04 25.01
CA ASN D 302 -7.48 -18.39 25.43
C ASN D 302 -8.71 -19.19 25.86
N ALA D 303 -9.71 -18.51 26.42
CA ALA D 303 -10.92 -19.21 26.89
C ALA D 303 -11.75 -19.67 25.69
N LYS D 305 -10.83 -19.89 22.35
CA LYS D 305 -10.20 -20.51 21.19
C LYS D 305 -10.50 -22.00 20.94
N PRO D 306 -10.76 -22.78 22.00
CA PRO D 306 -11.16 -24.18 21.80
C PRO D 306 -12.40 -24.36 20.92
N VAL D 307 -13.22 -23.32 20.84
CA VAL D 307 -14.37 -23.33 19.96
C VAL D 307 -13.96 -23.62 18.52
N TRP D 308 -12.79 -23.14 18.10
CA TRP D 308 -12.37 -23.37 16.73
C TRP D 308 -12.21 -24.85 16.42
N ALA D 309 -11.58 -25.60 17.32
CA ALA D 309 -11.36 -27.02 17.11
C ALA D 309 -12.69 -27.78 16.99
N GLN D 310 -13.73 -27.29 17.66
CA GLN D 310 -15.02 -27.96 17.65
C GLN D 310 -15.66 -27.91 16.26
N PHE D 311 -15.36 -26.83 15.53
CA PHE D 311 -16.02 -26.62 14.26
C PHE D 311 -15.10 -26.72 13.04
N GLU D 312 -13.81 -27.01 13.25
CA GLU D 312 -12.88 -26.93 12.12
C GLU D 312 -13.15 -27.95 11.03
N ASP D 313 -13.56 -29.16 11.40
CA ASP D 313 -13.87 -30.19 10.40
C ASP D 313 -15.04 -29.80 9.48
N LYS D 314 -16.11 -29.27 10.07
CA LYS D 314 -17.27 -28.82 9.28
C LYS D 314 -16.99 -27.54 8.49
N ILE D 315 -16.24 -26.61 9.09
CA ILE D 315 -15.96 -25.37 8.41
C ILE D 315 -14.90 -25.61 7.35
N GLY D 316 -13.88 -26.40 7.69
CA GLY D 316 -12.76 -26.63 6.80
C GLY D 316 -11.53 -25.93 7.33
N LYS D 317 -10.54 -26.71 7.71
CA LYS D 317 -9.29 -26.16 8.21
C LYS D 317 -8.63 -25.25 7.18
N ASP D 318 -8.70 -25.61 5.91
CA ASP D 318 -8.02 -24.81 4.90
C ASP D 318 -8.69 -23.42 4.76
N LEU D 319 -9.99 -23.38 4.95
CA LEU D 319 -10.73 -22.13 4.99
C LEU D 319 -10.37 -21.27 6.21
N ILE D 320 -10.23 -21.92 7.37
CA ILE D 320 -9.78 -21.20 8.55
C ILE D 320 -8.39 -20.63 8.33
N ASP D 321 -7.50 -21.41 7.71
CA ASP D 321 -6.13 -20.96 7.45
C ASP D 321 -6.12 -19.74 6.53
N ALA D 322 -7.03 -19.72 5.55
CA ALA D 322 -7.20 -18.56 4.66
C ALA D 322 -7.60 -17.32 5.47
N ALA D 323 -8.59 -17.46 6.34
CA ALA D 323 -9.05 -16.33 7.15
C ALA D 323 -7.93 -15.83 8.06
N VAL D 324 -7.19 -16.75 8.68
CA VAL D 324 -6.08 -16.36 9.52
C VAL D 324 -5.08 -15.53 8.71
N ALA D 325 -4.82 -15.95 7.48
CA ALA D 325 -3.89 -15.24 6.60
C ALA D 325 -4.36 -13.83 6.18
N SER D 326 -5.65 -13.55 6.28
CA SER D 326 -6.17 -12.22 5.99
C SER D 326 -5.72 -11.15 7.02
N ASN D 327 -5.24 -11.58 8.18
CA ASN D 327 -4.75 -10.63 9.19
C ASN D 327 -3.35 -10.08 8.82
#